data_1TF1
#
_entry.id   1TF1
#
_cell.length_a   92.796
_cell.length_b   97.538
_cell.length_c   144.488
_cell.angle_alpha   90.00
_cell.angle_beta   90.00
_cell.angle_gamma   90.00
#
_symmetry.space_group_name_H-M   'C 2 2 21'
#
loop_
_entity.id
_entity.type
_entity.pdbx_description
1 polymer 'Negative regulator of allantoin and glyoxylate utilization operons'
2 water water
#
_entity_poly.entity_id   1
_entity_poly.type   'polypeptide(L)'
_entity_poly.pdbx_seq_one_letter_code
;MGSSHHHHHHSSGRENLYFQGHMDVLSVAGPFMRRLMLLSGETVNVAIRNGNEAVLIGQLECKSMVRMCAPLGSRLPLHA
SGAGKALLYPLAEEELMSIILQTGLQQFTPTTLVDMPTLLKDLEQARELGYTVDKEEHVVGLNCIASAIYDDVGSVVAAI
SISGPSSRLTEDRFVSQGELVRDTARDISTALGLKAHP
;
_entity_poly.pdbx_strand_id   A,B,C,D
#
# COMPACT_ATOMS: atom_id res chain seq x y z
N GLY A 13 -21.90 17.83 6.99
CA GLY A 13 -21.75 18.32 5.59
C GLY A 13 -20.29 18.45 5.18
N ARG A 14 -19.86 19.67 4.87
CA ARG A 14 -18.48 19.92 4.44
C ARG A 14 -17.51 19.61 5.56
N GLU A 15 -18.04 19.33 6.73
CA GLU A 15 -17.15 19.01 7.82
C GLU A 15 -16.79 17.53 7.75
N ASN A 16 -17.40 16.81 6.80
CA ASN A 16 -17.10 15.39 6.63
C ASN A 16 -15.91 15.29 5.65
N LEU A 17 -14.91 14.47 5.99
CA LEU A 17 -13.72 14.29 5.14
C LEU A 17 -14.05 13.83 3.71
N TYR A 18 -15.13 13.09 3.57
CA TYR A 18 -15.54 12.57 2.27
C TYR A 18 -16.55 13.47 1.55
N PHE A 19 -16.83 14.63 2.13
CA PHE A 19 -17.80 15.58 1.57
C PHE A 19 -17.65 15.65 0.04
N GLN A 20 -18.76 15.56 -0.70
CA GLN A 20 -18.66 15.59 -2.17
C GLN A 20 -17.90 16.80 -2.74
N GLY A 21 -18.05 17.95 -2.11
CA GLY A 21 -17.35 19.14 -2.59
C GLY A 21 -15.84 18.90 -2.65
N HIS A 22 -15.32 18.19 -1.64
CA HIS A 22 -13.89 17.88 -1.60
C HIS A 22 -13.51 16.95 -2.77
N MET A 23 -14.33 15.94 -2.99
CA MET A 23 -14.12 14.99 -4.05
C MET A 23 -14.20 15.71 -5.38
N ASP A 24 -15.03 16.74 -5.46
CA ASP A 24 -15.19 17.49 -6.71
C ASP A 24 -13.92 18.25 -7.00
N VAL A 25 -13.30 18.78 -5.94
CA VAL A 25 -12.04 19.44 -6.17
C VAL A 25 -11.06 18.40 -6.74
N LEU A 26 -11.00 17.20 -6.14
CA LEU A 26 -10.03 16.20 -6.64
C LEU A 26 -10.29 15.80 -8.09
N SER A 27 -11.55 15.65 -8.44
CA SER A 27 -11.89 15.22 -9.80
C SER A 27 -11.42 16.18 -10.88
N VAL A 28 -11.36 17.47 -10.59
CA VAL A 28 -10.94 18.40 -11.63
C VAL A 28 -9.47 18.80 -11.50
N ALA A 29 -8.89 18.53 -10.34
CA ALA A 29 -7.51 18.94 -10.08
C ALA A 29 -6.40 18.18 -10.79
N GLY A 30 -6.66 16.94 -11.17
CA GLY A 30 -5.64 16.12 -11.80
C GLY A 30 -4.65 16.72 -12.76
N PRO A 31 -5.12 17.27 -13.90
CA PRO A 31 -4.34 17.88 -14.95
C PRO A 31 -3.47 19.02 -14.45
N PHE A 32 -4.01 19.80 -13.52
CA PHE A 32 -3.31 20.94 -12.97
C PHE A 32 -2.26 20.53 -11.98
N MET A 33 -2.52 19.45 -11.27
CA MET A 33 -1.54 18.94 -10.31
C MET A 33 -0.38 18.41 -11.11
N ARG A 34 -0.70 17.77 -12.22
CA ARG A 34 0.38 17.23 -13.07
C ARG A 34 1.29 18.33 -13.59
N ARG A 35 0.70 19.39 -14.14
CA ARG A 35 1.45 20.50 -14.69
C ARG A 35 2.30 21.18 -13.61
N LEU A 36 1.72 21.34 -12.42
CA LEU A 36 2.43 21.98 -11.34
C LEU A 36 3.64 21.14 -10.86
N MET A 37 3.44 19.83 -10.76
CA MET A 37 4.52 18.94 -10.32
C MET A 37 5.66 19.01 -11.34
N LEU A 38 5.32 18.98 -12.61
CA LEU A 38 6.33 19.04 -13.65
C LEU A 38 7.10 20.37 -13.65
N LEU A 39 6.38 21.48 -13.52
CA LEU A 39 7.00 22.78 -13.56
C LEU A 39 7.78 23.14 -12.30
N SER A 40 7.33 22.63 -11.16
CA SER A 40 7.99 22.97 -9.92
C SER A 40 9.05 21.97 -9.51
N GLY A 41 8.90 20.73 -9.99
CA GLY A 41 9.84 19.67 -9.61
C GLY A 41 9.63 19.19 -8.16
N GLU A 42 8.48 19.48 -7.56
CA GLU A 42 8.23 19.03 -6.17
C GLU A 42 6.88 18.35 -6.04
N THR A 43 6.67 17.66 -4.92
CA THR A 43 5.41 16.97 -4.66
C THR A 43 4.30 18.02 -4.50
N VAL A 44 3.15 17.72 -5.09
CA VAL A 44 2.01 18.61 -5.07
C VAL A 44 0.94 18.00 -4.14
N ASN A 45 0.38 18.81 -3.26
CA ASN A 45 -0.66 18.32 -2.35
C ASN A 45 -1.93 19.17 -2.45
N VAL A 46 -3.07 18.54 -2.15
CA VAL A 46 -4.36 19.20 -2.09
C VAL A 46 -4.90 18.91 -0.68
N ALA A 47 -5.19 19.96 0.05
CA ALA A 47 -5.71 19.83 1.40
C ALA A 47 -7.05 20.52 1.57
N ILE A 48 -7.82 20.04 2.55
CA ILE A 48 -9.08 20.68 2.89
C ILE A 48 -9.08 20.88 4.40
N ARG A 49 -9.99 21.71 4.88
CA ARG A 49 -10.05 21.93 6.32
C ARG A 49 -10.98 20.89 6.94
N ASN A 50 -10.54 20.27 8.04
CA ASN A 50 -11.34 19.27 8.77
C ASN A 50 -10.84 19.14 10.22
N GLY A 51 -11.74 19.31 11.20
CA GLY A 51 -11.34 19.16 12.60
C GLY A 51 -10.25 20.17 13.01
N ASN A 52 -10.35 21.36 12.43
CA ASN A 52 -9.41 22.46 12.66
C ASN A 52 -7.96 22.15 12.32
N GLU A 53 -7.78 21.28 11.33
CA GLU A 53 -6.50 20.89 10.80
C GLU A 53 -6.61 20.85 9.27
N ALA A 54 -5.47 20.86 8.60
CA ALA A 54 -5.46 20.75 7.13
C ALA A 54 -5.18 19.29 6.86
N VAL A 55 -6.07 18.61 6.13
CA VAL A 55 -5.88 17.19 5.85
C VAL A 55 -5.55 17.00 4.38
N LEU A 56 -4.51 16.23 4.10
CA LEU A 56 -4.11 15.94 2.73
C LEU A 56 -5.05 14.93 2.10
N ILE A 57 -5.78 15.34 1.06
CA ILE A 57 -6.71 14.44 0.40
C ILE A 57 -6.30 14.09 -1.03
N GLY A 58 -5.37 14.84 -1.60
CA GLY A 58 -4.90 14.53 -2.93
C GLY A 58 -3.40 14.73 -2.95
N GLN A 59 -2.69 14.01 -3.79
CA GLN A 59 -1.23 14.19 -3.83
C GLN A 59 -0.66 13.63 -5.14
N LEU A 60 0.36 14.29 -5.65
CA LEU A 60 1.07 13.81 -6.83
C LEU A 60 2.55 14.07 -6.57
N GLU A 61 3.27 13.01 -6.20
CA GLU A 61 4.69 13.10 -5.88
C GLU A 61 5.59 13.43 -7.06
N CYS A 62 6.66 14.18 -6.81
CA CYS A 62 7.58 14.49 -7.89
C CYS A 62 8.41 13.20 -8.02
N LYS A 63 9.28 13.15 -9.03
CA LYS A 63 10.04 11.94 -9.29
C LYS A 63 11.38 11.82 -8.58
N SER A 64 11.74 12.81 -7.78
CA SER A 64 13.04 12.76 -7.12
C SER A 64 13.03 11.81 -5.91
N MET A 65 14.13 11.06 -5.72
CA MET A 65 14.19 10.12 -4.62
C MET A 65 14.13 10.81 -3.27
N VAL A 66 14.54 12.06 -3.24
CA VAL A 66 14.44 12.83 -2.00
C VAL A 66 13.34 13.87 -2.25
N ARG A 67 12.30 13.82 -1.43
CA ARG A 67 11.17 14.70 -1.63
C ARG A 67 10.22 14.66 -0.42
N MET A 68 9.09 15.36 -0.54
CA MET A 68 8.08 15.35 0.50
C MET A 68 7.17 14.18 0.16
N CYS A 69 6.82 13.39 1.16
CA CYS A 69 5.99 12.23 0.85
C CYS A 69 5.17 11.73 2.02
N ALA A 70 4.50 12.68 2.66
CA ALA A 70 3.61 12.39 3.76
C ALA A 70 2.48 11.65 3.07
N PRO A 71 1.82 10.71 3.78
CA PRO A 71 0.72 9.96 3.17
C PRO A 71 -0.59 10.73 3.08
N LEU A 72 -1.49 10.29 2.19
CA LEU A 72 -2.78 10.98 2.16
C LEU A 72 -3.39 10.72 3.50
N GLY A 73 -4.20 11.66 3.96
CA GLY A 73 -4.85 11.53 5.24
C GLY A 73 -4.03 12.18 6.35
N SER A 74 -2.79 12.57 6.07
CA SER A 74 -1.97 13.24 7.07
C SER A 74 -2.69 14.50 7.54
N ARG A 75 -2.59 14.82 8.82
CA ARG A 75 -3.25 16.00 9.38
C ARG A 75 -2.21 17.05 9.68
N LEU A 76 -2.35 18.23 9.07
CA LEU A 76 -1.34 19.27 9.28
C LEU A 76 -1.86 20.46 10.10
N PRO A 77 -0.97 21.20 10.79
CA PRO A 77 -1.46 22.34 11.58
C PRO A 77 -1.88 23.51 10.68
N LEU A 78 -3.01 24.14 10.99
CA LEU A 78 -3.46 25.25 10.15
C LEU A 78 -2.52 26.49 10.15
N HIS A 79 -1.87 26.76 11.30
CA HIS A 79 -1.07 27.92 11.42
C HIS A 79 0.39 27.77 11.06
N ALA A 80 0.82 26.54 10.86
CA ALA A 80 2.22 26.25 10.61
C ALA A 80 2.63 25.58 9.31
N SER A 81 1.68 25.13 8.48
CA SER A 81 2.03 24.50 7.20
C SER A 81 1.54 25.45 6.11
N GLY A 82 2.17 25.39 4.95
CA GLY A 82 1.77 26.26 3.87
C GLY A 82 0.33 25.96 3.51
N ALA A 83 0.02 24.68 3.42
CA ALA A 83 -1.32 24.23 3.04
C ALA A 83 -2.32 24.79 4.04
N GLY A 84 -1.98 24.67 5.34
CA GLY A 84 -2.89 25.21 6.37
C GLY A 84 -3.12 26.70 6.28
N LYS A 85 -2.06 27.46 6.05
CA LYS A 85 -2.17 28.89 5.98
C LYS A 85 -2.99 29.31 4.77
N ALA A 86 -2.96 28.51 3.72
CA ALA A 86 -3.74 28.84 2.53
C ALA A 86 -5.23 28.64 2.82
N LEU A 87 -5.55 27.74 3.74
CA LEU A 87 -6.95 27.58 4.14
C LEU A 87 -7.38 28.70 5.07
N LEU A 88 -6.40 29.32 5.76
CA LEU A 88 -6.68 30.43 6.67
C LEU A 88 -6.69 31.85 6.08
N TYR A 89 -5.80 32.15 5.13
CA TYR A 89 -5.76 33.55 4.73
C TYR A 89 -7.02 34.18 4.14
N PRO A 90 -7.93 33.38 3.55
CA PRO A 90 -9.14 34.01 2.99
C PRO A 90 -10.19 34.34 4.03
N LEU A 91 -10.04 33.76 5.22
CA LEU A 91 -11.01 33.92 6.30
C LEU A 91 -11.01 35.26 7.03
N ALA A 92 -12.17 35.60 7.57
CA ALA A 92 -12.28 36.84 8.31
C ALA A 92 -11.55 36.64 9.64
N GLU A 93 -10.95 37.72 10.12
CA GLU A 93 -10.21 37.69 11.37
C GLU A 93 -10.99 37.06 12.52
N GLU A 94 -12.31 37.26 12.55
CA GLU A 94 -13.12 36.71 13.64
C GLU A 94 -13.14 35.18 13.62
N GLU A 95 -13.20 34.62 12.41
CA GLU A 95 -13.20 33.16 12.27
C GLU A 95 -11.80 32.68 12.66
N LEU A 96 -10.77 33.40 12.23
CA LEU A 96 -9.39 33.04 12.57
C LEU A 96 -9.22 33.02 14.09
N MET A 97 -9.77 34.04 14.75
CA MET A 97 -9.71 34.13 16.20
C MET A 97 -10.39 32.92 16.83
N SER A 98 -11.51 32.50 16.24
CA SER A 98 -12.26 31.33 16.74
C SER A 98 -11.47 30.05 16.63
N ILE A 99 -10.82 29.90 15.48
CA ILE A 99 -10.05 28.71 15.22
C ILE A 99 -8.88 28.61 16.18
N ILE A 100 -8.12 29.69 16.28
CA ILE A 100 -6.95 29.68 17.13
C ILE A 100 -7.30 29.53 18.59
N LEU A 101 -8.45 30.08 19.00
CA LEU A 101 -8.84 29.93 20.41
C LEU A 101 -8.88 28.44 20.75
N GLN A 102 -9.36 27.64 19.80
CA GLN A 102 -9.45 26.19 20.01
C GLN A 102 -8.17 25.40 19.72
N THR A 103 -7.44 25.75 18.66
CA THR A 103 -6.23 24.99 18.39
C THR A 103 -5.00 25.43 19.18
N GLY A 104 -4.93 26.72 19.46
CA GLY A 104 -3.76 27.26 20.12
C GLY A 104 -2.76 27.41 18.98
N LEU A 105 -1.52 27.78 19.30
CA LEU A 105 -0.48 27.92 18.27
C LEU A 105 0.74 27.09 18.66
N GLN A 106 0.56 25.77 18.59
CA GLN A 106 1.63 24.84 18.93
C GLN A 106 2.89 25.16 18.15
N GLN A 107 4.04 25.09 18.80
CA GLN A 107 5.29 25.35 18.11
C GLN A 107 5.80 24.02 17.58
N PHE A 108 6.18 23.98 16.29
CA PHE A 108 6.68 22.73 15.71
C PHE A 108 8.15 22.78 15.40
N THR A 109 8.67 23.97 15.13
CA THR A 109 10.09 24.15 14.83
C THR A 109 10.53 25.43 15.47
N PRO A 110 11.83 25.74 15.39
CA PRO A 110 12.22 26.99 16.03
C PRO A 110 11.63 28.27 15.44
N THR A 111 11.15 28.22 14.19
CA THR A 111 10.58 29.42 13.60
C THR A 111 9.06 29.42 13.35
N THR A 112 8.35 28.45 13.92
CA THR A 112 6.90 28.43 13.76
C THR A 112 6.33 29.78 14.22
N LEU A 113 5.23 30.23 13.61
CA LEU A 113 4.58 31.44 14.05
C LEU A 113 3.73 31.03 15.23
N VAL A 114 4.05 31.54 16.41
CA VAL A 114 3.28 31.17 17.59
C VAL A 114 2.59 32.33 18.29
N ASP A 115 2.44 33.44 17.58
CA ASP A 115 1.78 34.62 18.11
C ASP A 115 0.77 35.09 17.11
N MET A 116 -0.39 35.47 17.61
CA MET A 116 -1.48 35.88 16.75
C MET A 116 -1.14 37.09 15.86
N PRO A 117 -0.43 38.09 16.40
CA PRO A 117 -0.14 39.22 15.50
C PRO A 117 0.76 38.87 14.31
N THR A 118 1.78 38.05 14.55
CA THR A 118 2.70 37.68 13.49
C THR A 118 1.99 36.79 12.46
N LEU A 119 1.16 35.89 12.97
CA LEU A 119 0.38 35.00 12.12
C LEU A 119 -0.52 35.84 11.22
N LEU A 120 -1.27 36.78 11.82
CA LEU A 120 -2.17 37.64 11.06
C LEU A 120 -1.40 38.47 10.04
N LYS A 121 -0.22 38.97 10.42
CA LYS A 121 0.59 39.73 9.48
C LYS A 121 0.97 38.84 8.28
N ASP A 122 1.34 37.59 8.58
CA ASP A 122 1.72 36.66 7.54
C ASP A 122 0.52 36.33 6.63
N LEU A 123 -0.68 36.13 7.22
CA LEU A 123 -1.84 35.80 6.38
C LEU A 123 -2.26 37.01 5.53
N GLU A 124 -2.12 38.22 6.07
CA GLU A 124 -2.45 39.41 5.31
C GLU A 124 -1.54 39.49 4.06
N GLN A 125 -0.25 39.14 4.21
CA GLN A 125 0.66 39.17 3.10
C GLN A 125 0.27 38.14 2.03
N ALA A 126 -0.11 36.94 2.47
CA ALA A 126 -0.52 35.88 1.55
C ALA A 126 -1.78 36.29 0.78
N ARG A 127 -2.69 36.99 1.46
CA ARG A 127 -3.91 37.42 0.80
C ARG A 127 -3.58 38.46 -0.29
N GLU A 128 -2.60 39.31 -0.03
CA GLU A 128 -2.18 40.30 -1.03
C GLU A 128 -1.50 39.62 -2.25
N LEU A 129 -0.62 38.67 -1.97
CA LEU A 129 0.10 38.00 -3.06
C LEU A 129 -0.64 36.84 -3.73
N GLY A 130 -1.62 36.27 -3.04
CA GLY A 130 -2.33 35.13 -3.58
C GLY A 130 -1.67 33.77 -3.35
N TYR A 131 -0.69 33.73 -2.46
CA TYR A 131 -0.03 32.49 -2.09
C TYR A 131 0.65 32.69 -0.78
N THR A 132 0.87 31.59 -0.08
CA THR A 132 1.56 31.67 1.19
C THR A 132 2.87 30.91 1.10
N VAL A 133 3.80 31.20 2.02
CA VAL A 133 5.06 30.50 2.05
C VAL A 133 5.29 30.00 3.48
N ASP A 134 5.65 28.72 3.58
CA ASP A 134 5.94 28.04 4.84
C ASP A 134 7.41 27.70 4.70
N LYS A 135 8.27 28.39 5.44
CA LYS A 135 9.68 28.13 5.37
C LYS A 135 10.09 27.45 6.66
N GLU A 136 10.04 26.12 6.66
CA GLU A 136 10.46 25.34 7.83
C GLU A 136 9.71 25.68 9.13
N GLU A 137 8.43 26.04 8.99
CA GLU A 137 7.62 26.37 10.15
C GLU A 137 6.92 25.13 10.73
N HIS A 138 6.79 24.10 9.89
CA HIS A 138 6.15 22.84 10.26
C HIS A 138 7.14 21.69 10.47
N VAL A 139 8.01 21.48 9.49
CA VAL A 139 9.00 20.43 9.52
C VAL A 139 10.34 21.05 9.12
N VAL A 140 11.39 20.80 9.91
CA VAL A 140 12.71 21.37 9.58
C VAL A 140 13.15 20.81 8.24
N GLY A 141 13.63 21.67 7.36
CA GLY A 141 14.07 21.20 6.06
C GLY A 141 12.99 21.11 4.99
N LEU A 142 11.78 21.52 5.31
CA LEU A 142 10.66 21.43 4.33
C LEU A 142 10.07 22.83 4.08
N ASN A 143 9.98 23.24 2.81
CA ASN A 143 9.35 24.50 2.50
C ASN A 143 8.06 24.10 1.78
N CYS A 144 7.01 24.90 1.95
CA CYS A 144 5.70 24.65 1.37
C CYS A 144 5.19 25.98 0.82
N ILE A 145 4.66 25.96 -0.40
CA ILE A 145 4.16 27.16 -1.01
C ILE A 145 2.76 26.76 -1.45
N ALA A 146 1.76 27.52 -1.01
CA ALA A 146 0.39 27.14 -1.24
C ALA A 146 -0.56 28.26 -1.63
N SER A 147 -1.68 27.92 -2.23
CA SER A 147 -2.67 28.96 -2.59
C SER A 147 -4.07 28.39 -2.48
N ALA A 148 -5.03 29.24 -2.11
CA ALA A 148 -6.41 28.87 -1.92
C ALA A 148 -7.22 28.52 -3.15
N ILE A 149 -8.07 27.53 -3.03
CA ILE A 149 -8.97 27.14 -4.12
C ILE A 149 -10.35 27.63 -3.65
N TYR A 150 -11.06 28.31 -4.54
CA TYR A 150 -12.35 28.90 -4.22
C TYR A 150 -13.53 28.34 -5.01
N ASP A 151 -14.73 28.47 -4.44
CA ASP A 151 -15.92 27.97 -5.15
C ASP A 151 -16.58 29.14 -5.85
N ASP A 152 -17.77 28.91 -6.38
CA ASP A 152 -18.51 29.95 -7.14
C ASP A 152 -18.79 31.26 -6.43
N VAL A 153 -18.89 31.21 -5.11
CA VAL A 153 -19.20 32.40 -4.33
C VAL A 153 -17.97 33.08 -3.76
N GLY A 154 -16.79 32.52 -4.04
CA GLY A 154 -15.59 33.15 -3.53
C GLY A 154 -15.15 32.63 -2.17
N SER A 155 -15.78 31.55 -1.69
CA SER A 155 -15.35 31.01 -0.41
C SER A 155 -14.22 29.99 -0.67
N VAL A 156 -13.30 29.88 0.28
CA VAL A 156 -12.19 28.96 0.10
C VAL A 156 -12.67 27.58 0.43
N VAL A 157 -12.48 26.63 -0.48
CA VAL A 157 -12.89 25.24 -0.24
C VAL A 157 -11.73 24.23 -0.13
N ALA A 158 -10.52 24.65 -0.51
CA ALA A 158 -9.37 23.75 -0.47
C ALA A 158 -8.10 24.58 -0.73
N ALA A 159 -6.94 23.92 -0.69
CA ALA A 159 -5.69 24.61 -0.98
C ALA A 159 -4.81 23.64 -1.76
N ILE A 160 -3.95 24.16 -2.63
CA ILE A 160 -3.01 23.30 -3.36
C ILE A 160 -1.64 23.85 -2.97
N SER A 161 -0.65 22.96 -2.86
CA SER A 161 0.68 23.39 -2.45
C SER A 161 1.74 22.54 -3.13
N ILE A 162 2.96 23.06 -3.18
CA ILE A 162 4.10 22.29 -3.60
C ILE A 162 4.90 22.24 -2.31
N SER A 163 5.47 21.09 -2.01
CA SER A 163 6.22 20.94 -0.74
C SER A 163 7.49 20.22 -1.07
N GLY A 164 8.61 20.70 -0.56
CA GLY A 164 9.82 19.98 -0.83
C GLY A 164 10.97 20.43 0.03
N PRO A 165 12.15 19.78 -0.14
CA PRO A 165 13.38 20.07 0.61
C PRO A 165 13.76 21.56 0.52
N SER A 166 14.05 22.18 1.66
CA SER A 166 14.42 23.60 1.70
C SER A 166 15.66 23.91 0.85
N SER A 167 16.51 22.91 0.62
CA SER A 167 17.70 23.12 -0.18
C SER A 167 17.38 23.20 -1.67
N ARG A 168 16.19 22.71 -2.09
CA ARG A 168 15.87 22.71 -3.52
C ARG A 168 14.83 23.78 -3.85
N LEU A 169 13.85 23.90 -2.96
CA LEU A 169 12.81 24.92 -3.12
C LEU A 169 13.34 26.12 -2.32
N THR A 170 14.40 26.73 -2.86
CA THR A 170 15.08 27.86 -2.26
C THR A 170 14.36 29.19 -2.36
N GLU A 171 14.75 30.11 -1.46
CA GLU A 171 14.17 31.44 -1.41
C GLU A 171 14.16 32.22 -2.73
N ASP A 172 15.17 32.04 -3.57
CA ASP A 172 15.19 32.76 -4.84
C ASP A 172 14.10 32.27 -5.80
N ARG A 173 13.46 31.15 -5.47
CA ARG A 173 12.39 30.60 -6.30
C ARG A 173 10.99 30.85 -5.69
N PHE A 174 10.92 31.47 -4.52
CA PHE A 174 9.60 31.66 -3.89
C PHE A 174 8.63 32.48 -4.72
N VAL A 175 9.12 33.56 -5.35
CA VAL A 175 8.19 34.37 -6.12
C VAL A 175 7.71 33.66 -7.40
N SER A 176 8.63 33.05 -8.14
CA SER A 176 8.25 32.37 -9.39
C SER A 176 7.37 31.15 -9.10
N GLN A 177 7.64 30.45 -8.02
CA GLN A 177 6.84 29.27 -7.69
C GLN A 177 5.49 29.67 -7.06
N GLY A 178 5.53 30.71 -6.24
CA GLY A 178 4.32 31.22 -5.61
C GLY A 178 3.32 31.65 -6.67
N GLU A 179 3.81 32.33 -7.71
CA GLU A 179 2.90 32.77 -8.77
C GLU A 179 2.39 31.57 -9.58
N LEU A 180 3.22 30.53 -9.75
CA LEU A 180 2.79 29.35 -10.47
C LEU A 180 1.75 28.61 -9.62
N VAL A 181 1.96 28.53 -8.30
CA VAL A 181 0.95 27.86 -7.46
C VAL A 181 -0.40 28.65 -7.47
N ARG A 182 -0.30 29.97 -7.40
CA ARG A 182 -1.48 30.83 -7.40
C ARG A 182 -2.24 30.62 -8.73
N ASP A 183 -1.51 30.57 -9.83
CA ASP A 183 -2.14 30.39 -11.14
C ASP A 183 -2.78 29.04 -11.20
N THR A 184 -2.11 28.02 -10.64
CA THR A 184 -2.65 26.68 -10.64
C THR A 184 -3.95 26.62 -9.83
N ALA A 185 -3.94 27.20 -8.64
CA ALA A 185 -5.13 27.24 -7.80
C ALA A 185 -6.27 27.96 -8.55
N ARG A 186 -5.89 29.03 -9.25
CA ARG A 186 -6.86 29.83 -9.97
C ARG A 186 -7.53 28.95 -11.02
N ASP A 187 -6.73 28.17 -11.77
CA ASP A 187 -7.30 27.28 -12.79
C ASP A 187 -8.16 26.18 -12.17
N ILE A 188 -7.74 25.61 -11.05
CA ILE A 188 -8.57 24.59 -10.42
C ILE A 188 -9.92 25.19 -10.02
N SER A 189 -9.90 26.39 -9.43
CA SER A 189 -11.12 27.08 -9.02
C SER A 189 -12.04 27.21 -10.25
N THR A 190 -11.46 27.64 -11.36
CA THR A 190 -12.26 27.77 -12.57
C THR A 190 -12.85 26.45 -13.02
N ALA A 191 -12.03 25.40 -13.10
CA ALA A 191 -12.51 24.08 -13.52
C ALA A 191 -13.63 23.58 -12.58
N LEU A 192 -13.44 23.81 -11.29
CA LEU A 192 -14.44 23.40 -10.30
C LEU A 192 -15.76 24.08 -10.57
N GLY A 193 -15.70 25.31 -11.09
CA GLY A 193 -16.92 26.05 -11.38
C GLY A 193 -17.66 25.60 -12.63
N LEU A 194 -17.07 24.74 -13.44
CA LEU A 194 -17.76 24.31 -14.68
C LEU A 194 -18.77 23.22 -14.39
N LYS A 195 -19.92 23.30 -15.07
CA LYS A 195 -21.00 22.32 -14.87
C LYS A 195 -20.97 21.31 -16.01
N ALA A 196 -20.17 20.27 -15.81
CA ALA A 196 -20.01 19.20 -16.80
C ALA A 196 -20.99 18.06 -16.50
N TYR B 18 21.00 -16.63 -6.62
CA TYR B 18 21.40 -15.74 -5.50
C TYR B 18 20.19 -15.30 -4.66
N PHE B 19 19.03 -15.82 -5.00
CA PHE B 19 17.82 -15.47 -4.26
C PHE B 19 17.85 -15.90 -2.79
N GLN B 20 18.36 -17.10 -2.54
CA GLN B 20 18.46 -17.61 -1.19
C GLN B 20 19.22 -16.61 -0.33
N GLY B 21 20.35 -16.12 -0.87
CA GLY B 21 21.16 -15.14 -0.15
C GLY B 21 20.41 -13.90 0.21
N HIS B 22 19.66 -13.36 -0.77
CA HIS B 22 18.85 -12.20 -0.50
C HIS B 22 17.92 -12.43 0.68
N MET B 23 17.19 -13.55 0.67
CA MET B 23 16.27 -13.84 1.77
C MET B 23 17.02 -13.94 3.10
N ASP B 24 18.18 -14.56 3.09
CA ASP B 24 18.91 -14.69 4.33
C ASP B 24 19.27 -13.33 4.89
N VAL B 25 19.72 -12.43 4.03
CA VAL B 25 20.09 -11.10 4.49
C VAL B 25 18.86 -10.41 5.06
N LEU B 26 17.76 -10.44 4.31
CA LEU B 26 16.58 -9.78 4.82
C LEU B 26 16.05 -10.40 6.13
N SER B 27 16.11 -11.71 6.27
CA SER B 27 15.62 -12.35 7.51
C SER B 27 16.36 -11.88 8.76
N VAL B 28 17.64 -11.56 8.64
CA VAL B 28 18.38 -11.09 9.82
C VAL B 28 18.48 -9.57 9.88
N ALA B 29 18.41 -8.90 8.73
CA ALA B 29 18.54 -7.43 8.69
C ALA B 29 17.47 -6.66 9.46
N GLY B 30 16.22 -7.13 9.40
CA GLY B 30 15.09 -6.47 10.07
C GLY B 30 15.29 -5.67 11.33
N PRO B 31 15.67 -6.28 12.47
CA PRO B 31 15.87 -5.54 13.73
C PRO B 31 16.95 -4.48 13.65
N PHE B 32 17.94 -4.75 12.83
CA PHE B 32 19.05 -3.83 12.72
C PHE B 32 18.58 -2.62 11.95
N MET B 33 17.72 -2.81 10.95
CA MET B 33 17.27 -1.65 10.18
C MET B 33 16.49 -0.68 11.06
N ARG B 34 15.69 -1.20 11.99
CA ARG B 34 14.88 -0.38 12.86
C ARG B 34 15.76 0.49 13.74
N ARG B 35 16.80 -0.11 14.32
CA ARG B 35 17.70 0.62 15.19
C ARG B 35 18.45 1.70 14.43
N LEU B 36 18.93 1.35 13.24
CA LEU B 36 19.67 2.30 12.44
C LEU B 36 18.78 3.50 12.02
N MET B 37 17.52 3.23 11.72
CA MET B 37 16.57 4.28 11.35
C MET B 37 16.38 5.25 12.48
N LEU B 38 16.16 4.70 13.67
CA LEU B 38 15.95 5.53 14.85
C LEU B 38 17.15 6.37 15.23
N LEU B 39 18.34 5.76 15.24
CA LEU B 39 19.54 6.48 15.61
C LEU B 39 20.02 7.47 14.55
N SER B 40 19.69 7.21 13.29
CA SER B 40 20.14 8.11 12.26
C SER B 40 19.15 9.20 11.88
N GLY B 41 17.87 8.89 12.05
CA GLY B 41 16.82 9.81 11.67
C GLY B 41 16.58 9.81 10.15
N GLU B 42 17.13 8.83 9.42
CA GLU B 42 16.95 8.76 7.97
C GLU B 42 16.45 7.39 7.51
N THR B 43 15.97 7.35 6.27
CA THR B 43 15.51 6.10 5.67
C THR B 43 16.70 5.13 5.52
N VAL B 44 16.44 3.85 5.83
CA VAL B 44 17.44 2.79 5.73
C VAL B 44 17.13 1.92 4.53
N ASN B 45 18.15 1.60 3.75
CA ASN B 45 17.98 0.75 2.59
C ASN B 45 18.98 -0.41 2.59
N VAL B 46 18.53 -1.53 2.01
CA VAL B 46 19.34 -2.72 1.84
C VAL B 46 19.32 -2.98 0.35
N ALA B 47 20.50 -3.08 -0.26
CA ALA B 47 20.58 -3.29 -1.69
C ALA B 47 21.52 -4.45 -2.02
N ILE B 48 21.28 -5.05 -3.19
CA ILE B 48 22.10 -6.14 -3.65
C ILE B 48 22.49 -5.76 -5.08
N ARG B 49 23.51 -6.43 -5.60
CA ARG B 49 23.98 -6.16 -6.96
C ARG B 49 23.30 -7.18 -7.86
N ASN B 50 22.63 -6.67 -8.90
CA ASN B 50 21.90 -7.46 -9.91
C ASN B 50 21.86 -6.67 -11.23
N GLY B 51 22.34 -7.25 -12.31
CA GLY B 51 22.31 -6.54 -13.57
C GLY B 51 23.19 -5.32 -13.55
N ASN B 52 24.38 -5.51 -13.00
CA ASN B 52 25.36 -4.45 -12.88
C ASN B 52 24.77 -3.18 -12.28
N GLU B 53 23.71 -3.31 -11.47
CA GLU B 53 23.11 -2.17 -10.79
C GLU B 53 22.86 -2.53 -9.34
N ALA B 54 22.56 -1.54 -8.50
CA ALA B 54 22.26 -1.76 -7.09
C ALA B 54 20.74 -1.79 -7.00
N VAL B 55 20.16 -2.86 -6.50
CA VAL B 55 18.71 -2.92 -6.44
C VAL B 55 18.25 -2.88 -5.01
N LEU B 56 17.29 -2.02 -4.70
CA LEU B 56 16.80 -1.93 -3.32
C LEU B 56 15.86 -3.10 -3.04
N ILE B 57 16.19 -3.93 -2.07
CA ILE B 57 15.31 -5.08 -1.75
C ILE B 57 14.80 -5.01 -0.32
N GLY B 58 15.29 -4.02 0.42
CA GLY B 58 14.83 -3.83 1.78
C GLY B 58 14.79 -2.34 2.10
N GLN B 59 13.83 -1.90 2.90
CA GLN B 59 13.75 -0.49 3.24
C GLN B 59 12.86 -0.20 4.44
N LEU B 60 13.32 0.68 5.29
CA LEU B 60 12.54 1.12 6.44
C LEU B 60 12.63 2.62 6.43
N GLU B 61 11.54 3.31 6.05
CA GLU B 61 11.59 4.78 5.98
C GLU B 61 11.58 5.46 7.33
N CYS B 62 12.20 6.63 7.43
CA CYS B 62 12.14 7.38 8.68
C CYS B 62 10.75 8.03 8.68
N LYS B 63 10.43 8.73 9.78
CA LYS B 63 9.12 9.35 9.94
C LYS B 63 8.90 10.74 9.34
N SER B 64 9.99 11.47 9.15
CA SER B 64 9.93 12.84 8.63
C SER B 64 9.22 12.90 7.29
N MET B 65 8.35 13.89 7.04
CA MET B 65 7.71 13.88 5.75
C MET B 65 8.59 14.32 4.59
N VAL B 66 9.80 14.78 4.90
CA VAL B 66 10.75 15.10 3.83
C VAL B 66 11.90 14.08 4.09
N ARG B 67 12.13 13.23 3.10
CA ARG B 67 13.07 12.11 3.23
C ARG B 67 13.32 11.39 1.91
N MET B 68 14.16 10.37 1.97
CA MET B 68 14.42 9.54 0.82
C MET B 68 13.30 8.49 0.82
N CYS B 69 12.63 8.33 -0.31
CA CYS B 69 11.54 7.36 -0.36
C CYS B 69 11.34 6.70 -1.71
N ALA B 70 12.46 6.30 -2.30
CA ALA B 70 12.49 5.55 -3.55
C ALA B 70 11.85 4.22 -3.15
N PRO B 71 10.97 3.69 -4.00
CA PRO B 71 10.28 2.42 -3.73
C PRO B 71 11.16 1.18 -3.84
N LEU B 72 10.74 0.09 -3.20
CA LEU B 72 11.52 -1.13 -3.32
C LEU B 72 11.59 -1.43 -4.81
N GLY B 73 12.67 -2.07 -5.22
CA GLY B 73 12.78 -2.37 -6.62
C GLY B 73 13.54 -1.32 -7.39
N SER B 74 13.78 -0.16 -6.79
CA SER B 74 14.55 0.89 -7.51
C SER B 74 15.95 0.38 -7.87
N ARG B 75 16.43 0.75 -9.06
CA ARG B 75 17.78 0.35 -9.45
C ARG B 75 18.65 1.60 -9.37
N LEU B 76 19.83 1.47 -8.74
CA LEU B 76 20.70 2.61 -8.55
C LEU B 76 22.05 2.36 -9.19
N PRO B 77 22.81 3.43 -9.53
CA PRO B 77 24.10 3.20 -10.15
C PRO B 77 25.14 2.73 -9.14
N LEU B 78 25.91 1.73 -9.51
CA LEU B 78 26.94 1.22 -8.60
C LEU B 78 28.04 2.22 -8.32
N HIS B 79 28.44 3.05 -9.30
CA HIS B 79 29.53 4.00 -9.08
C HIS B 79 29.14 5.34 -8.43
N ALA B 80 27.84 5.61 -8.38
CA ALA B 80 27.37 6.90 -7.93
C ALA B 80 26.52 6.97 -6.68
N SER B 81 25.99 5.85 -6.24
CA SER B 81 25.15 5.84 -5.05
C SER B 81 25.95 5.21 -3.94
N GLY B 82 25.61 5.56 -2.70
CA GLY B 82 26.29 5.00 -1.54
C GLY B 82 26.14 3.48 -1.46
N ALA B 83 24.93 2.98 -1.64
CA ALA B 83 24.69 1.56 -1.59
C ALA B 83 25.51 0.88 -2.67
N GLY B 84 25.53 1.50 -3.85
CA GLY B 84 26.27 0.94 -4.95
C GLY B 84 27.77 0.83 -4.67
N LYS B 85 28.38 1.91 -4.19
CA LYS B 85 29.78 1.93 -3.91
C LYS B 85 30.11 0.89 -2.82
N ALA B 86 29.20 0.70 -1.90
CA ALA B 86 29.42 -0.31 -0.85
C ALA B 86 29.42 -1.75 -1.43
N LEU B 87 28.70 -1.98 -2.54
CA LEU B 87 28.68 -3.28 -3.18
C LEU B 87 29.99 -3.47 -3.99
N LEU B 88 30.59 -2.36 -4.41
CA LEU B 88 31.85 -2.38 -5.14
C LEU B 88 33.13 -2.35 -4.33
N TYR B 89 33.18 -1.59 -3.24
CA TYR B 89 34.49 -1.52 -2.60
C TYR B 89 35.17 -2.80 -2.12
N PRO B 90 34.41 -3.89 -1.85
CA PRO B 90 35.06 -5.12 -1.39
C PRO B 90 35.75 -5.92 -2.51
N LEU B 91 35.30 -5.72 -3.75
CA LEU B 91 35.78 -6.47 -4.89
C LEU B 91 37.21 -6.24 -5.34
N ALA B 92 37.80 -7.24 -5.99
CA ALA B 92 39.16 -7.10 -6.50
C ALA B 92 39.13 -6.02 -7.58
N GLU B 93 40.22 -5.25 -7.69
CA GLU B 93 40.30 -4.15 -8.67
C GLU B 93 39.90 -4.59 -10.08
N GLU B 94 40.35 -5.76 -10.50
CA GLU B 94 39.99 -6.22 -11.83
C GLU B 94 38.50 -6.57 -11.96
N GLU B 95 37.90 -7.06 -10.88
CA GLU B 95 36.50 -7.44 -10.91
C GLU B 95 35.64 -6.21 -11.09
N LEU B 96 36.08 -5.14 -10.44
CA LEU B 96 35.46 -3.84 -10.49
C LEU B 96 35.52 -3.36 -11.94
N MET B 97 36.71 -3.40 -12.52
CA MET B 97 36.89 -2.93 -13.89
C MET B 97 35.95 -3.59 -14.84
N SER B 98 35.80 -4.91 -14.72
CA SER B 98 34.92 -5.67 -15.58
C SER B 98 33.48 -5.14 -15.47
N ILE B 99 33.06 -4.80 -14.24
CA ILE B 99 31.73 -4.26 -14.02
C ILE B 99 31.60 -2.83 -14.58
N ILE B 100 32.60 -1.98 -14.33
CA ILE B 100 32.53 -0.60 -14.82
C ILE B 100 32.56 -0.56 -16.38
N LEU B 101 33.24 -1.52 -16.99
CA LEU B 101 33.27 -1.58 -18.46
C LEU B 101 31.85 -1.85 -19.00
N GLN B 102 31.06 -2.64 -18.28
CA GLN B 102 29.69 -2.90 -18.73
C GLN B 102 28.77 -1.73 -18.40
N THR B 103 28.95 -1.12 -17.21
CA THR B 103 28.03 -0.01 -16.88
C THR B 103 28.33 1.34 -17.45
N GLY B 104 29.62 1.65 -17.57
CA GLY B 104 30.01 2.97 -18.01
C GLY B 104 30.09 3.77 -16.72
N LEU B 105 30.45 5.04 -16.84
CA LEU B 105 30.58 5.94 -15.69
C LEU B 105 29.74 7.18 -15.90
N GLN B 106 28.43 6.97 -15.99
CA GLN B 106 27.53 8.09 -16.22
C GLN B 106 27.61 9.17 -15.15
N GLN B 107 27.65 10.42 -15.57
CA GLN B 107 27.69 11.51 -14.60
C GLN B 107 26.26 11.90 -14.27
N PHE B 108 25.91 11.89 -12.97
CA PHE B 108 24.56 12.27 -12.56
C PHE B 108 24.49 13.68 -11.97
N THR B 109 25.60 14.10 -11.36
CA THR B 109 25.70 15.42 -10.75
C THR B 109 27.10 15.94 -10.94
N PRO B 110 27.34 17.19 -10.56
CA PRO B 110 28.68 17.75 -10.72
C PRO B 110 29.70 17.06 -9.84
N THR B 111 29.26 16.32 -8.83
CA THR B 111 30.25 15.63 -7.99
C THR B 111 30.40 14.13 -8.22
N THR B 112 29.65 13.56 -9.16
CA THR B 112 29.74 12.13 -9.43
C THR B 112 31.19 11.77 -9.72
N LEU B 113 31.67 10.66 -9.18
CA LEU B 113 33.05 10.23 -9.43
C LEU B 113 33.00 9.64 -10.84
N VAL B 114 33.68 10.27 -11.78
CA VAL B 114 33.66 9.78 -13.14
C VAL B 114 35.09 9.52 -13.63
N ASP B 115 36.06 9.79 -12.77
CA ASP B 115 37.47 9.59 -13.08
C ASP B 115 37.82 8.27 -12.36
N MET B 116 38.14 7.24 -13.14
CA MET B 116 38.45 5.91 -12.61
C MET B 116 39.46 5.87 -11.47
N PRO B 117 40.59 6.58 -11.63
CA PRO B 117 41.58 6.57 -10.55
C PRO B 117 40.98 7.15 -9.27
N THR B 118 40.22 8.23 -9.44
CA THR B 118 39.58 8.91 -8.31
C THR B 118 38.51 7.98 -7.69
N LEU B 119 37.76 7.27 -8.53
CA LEU B 119 36.74 6.34 -8.07
C LEU B 119 37.40 5.24 -7.27
N LEU B 120 38.48 4.68 -7.82
CA LEU B 120 39.20 3.61 -7.14
C LEU B 120 39.72 4.06 -5.79
N LYS B 121 40.32 5.25 -5.74
CA LYS B 121 40.81 5.76 -4.45
C LYS B 121 39.66 5.91 -3.46
N ASP B 122 38.53 6.39 -3.94
CA ASP B 122 37.37 6.54 -3.07
C ASP B 122 36.97 5.19 -2.51
N LEU B 123 36.96 4.16 -3.36
CA LEU B 123 36.56 2.84 -2.97
C LEU B 123 37.59 2.25 -2.02
N GLU B 124 38.87 2.45 -2.33
CA GLU B 124 39.92 1.95 -1.47
C GLU B 124 39.79 2.61 -0.11
N GLN B 125 39.48 3.90 -0.09
CA GLN B 125 39.31 4.59 1.19
C GLN B 125 38.11 4.01 1.96
N ALA B 126 37.04 3.73 1.24
CA ALA B 126 35.84 3.16 1.86
C ALA B 126 36.15 1.79 2.48
N ARG B 127 36.96 0.99 1.79
CA ARG B 127 37.33 -0.33 2.29
C ARG B 127 38.13 -0.18 3.58
N GLU B 128 39.03 0.79 3.63
CA GLU B 128 39.83 1.00 4.83
C GLU B 128 38.92 1.44 5.99
N LEU B 129 37.96 2.32 5.70
CA LEU B 129 37.04 2.84 6.73
C LEU B 129 35.90 1.91 7.11
N GLY B 130 35.53 0.99 6.20
CA GLY B 130 34.39 0.13 6.51
C GLY B 130 33.06 0.80 6.19
N TYR B 131 33.11 1.95 5.53
CA TYR B 131 31.88 2.63 5.06
C TYR B 131 32.21 3.59 3.96
N THR B 132 31.17 3.92 3.20
CA THR B 132 31.35 4.83 2.10
C THR B 132 30.35 5.98 2.23
N VAL B 133 30.74 7.13 1.69
CA VAL B 133 29.88 8.30 1.67
C VAL B 133 29.69 8.76 0.24
N ASP B 134 28.42 9.03 -0.06
CA ASP B 134 27.97 9.52 -1.36
C ASP B 134 27.40 10.90 -0.98
N LYS B 135 28.10 11.96 -1.39
CA LYS B 135 27.67 13.32 -1.09
C LYS B 135 27.11 13.90 -2.37
N GLU B 136 25.82 13.66 -2.58
CA GLU B 136 25.13 14.19 -3.74
C GLU B 136 25.74 13.72 -5.07
N GLU B 137 26.31 12.53 -5.07
CA GLU B 137 26.90 11.98 -6.29
C GLU B 137 25.90 11.35 -7.23
N HIS B 138 24.72 11.03 -6.71
CA HIS B 138 23.70 10.39 -7.52
C HIS B 138 22.50 11.31 -7.74
N VAL B 139 21.99 11.84 -6.64
CA VAL B 139 20.84 12.73 -6.68
C VAL B 139 21.20 14.03 -5.95
N VAL B 140 20.94 15.16 -6.59
CA VAL B 140 21.25 16.42 -5.96
C VAL B 140 20.34 16.58 -4.76
N GLY B 141 20.92 16.92 -3.63
CA GLY B 141 20.14 17.08 -2.41
C GLY B 141 20.07 15.81 -1.56
N LEU B 142 20.72 14.74 -2.03
CA LEU B 142 20.69 13.47 -1.29
C LEU B 142 22.07 12.98 -0.91
N ASN B 143 22.25 12.68 0.38
CA ASN B 143 23.50 12.12 0.87
C ASN B 143 23.22 10.68 1.28
N CYS B 144 24.19 9.78 1.06
CA CYS B 144 24.03 8.38 1.38
C CYS B 144 25.26 7.85 2.10
N ILE B 145 25.04 7.15 3.20
CA ILE B 145 26.20 6.58 3.91
C ILE B 145 25.94 5.09 3.94
N ALA B 146 26.86 4.31 3.40
CA ALA B 146 26.63 2.88 3.29
C ALA B 146 27.78 1.98 3.71
N SER B 147 27.47 0.72 3.95
CA SER B 147 28.53 -0.25 4.30
C SER B 147 28.14 -1.63 3.78
N ALA B 148 29.14 -2.44 3.41
CA ALA B 148 28.98 -3.77 2.85
C ALA B 148 28.61 -4.82 3.89
N ILE B 149 27.75 -5.74 3.49
CA ILE B 149 27.33 -6.87 4.34
C ILE B 149 27.99 -8.11 3.70
N TYR B 150 28.63 -8.91 4.54
CA TYR B 150 29.36 -10.08 4.07
C TYR B 150 28.77 -11.37 4.57
N ASP B 151 28.87 -12.41 3.76
CA ASP B 151 28.36 -13.71 4.15
C ASP B 151 29.42 -14.44 5.01
N ASP B 152 29.14 -15.70 5.35
CA ASP B 152 30.00 -16.52 6.22
C ASP B 152 31.38 -16.80 5.66
N VAL B 153 31.58 -16.58 4.36
CA VAL B 153 32.89 -16.82 3.77
C VAL B 153 33.61 -15.51 3.42
N GLY B 154 33.07 -14.39 3.88
CA GLY B 154 33.70 -13.11 3.62
C GLY B 154 33.36 -12.48 2.28
N SER B 155 32.35 -12.97 1.60
CA SER B 155 32.01 -12.36 0.30
C SER B 155 30.96 -11.30 0.51
N VAL B 156 31.07 -10.17 -0.20
CA VAL B 156 30.04 -9.14 -0.09
C VAL B 156 28.76 -9.65 -0.77
N VAL B 157 27.66 -9.67 -0.04
CA VAL B 157 26.40 -10.14 -0.60
C VAL B 157 25.31 -9.08 -0.62
N ALA B 158 25.54 -7.97 0.08
CA ALA B 158 24.52 -6.91 0.11
C ALA B 158 25.16 -5.66 0.74
N ALA B 159 24.37 -4.60 0.87
CA ALA B 159 24.84 -3.34 1.47
C ALA B 159 23.67 -2.70 2.18
N ILE B 160 23.95 -2.02 3.28
CA ILE B 160 22.89 -1.31 4.01
C ILE B 160 23.33 0.15 4.03
N SER B 161 22.38 1.07 3.92
CA SER B 161 22.73 2.48 3.89
C SER B 161 21.66 3.29 4.53
N ILE B 162 22.05 4.52 4.89
CA ILE B 162 21.05 5.49 5.32
C ILE B 162 21.11 6.51 4.20
N SER B 163 19.97 7.08 3.86
CA SER B 163 19.91 8.03 2.75
C SER B 163 19.00 9.13 3.20
N GLY B 164 19.41 10.37 3.01
CA GLY B 164 18.57 11.47 3.41
C GLY B 164 18.96 12.80 2.81
N PRO B 165 18.16 13.83 3.09
CA PRO B 165 18.40 15.18 2.59
C PRO B 165 19.78 15.69 3.03
N SER B 166 20.48 16.30 2.09
CA SER B 166 21.80 16.87 2.35
C SER B 166 21.77 17.92 3.47
N SER B 167 20.63 18.57 3.66
CA SER B 167 20.53 19.58 4.71
C SER B 167 20.41 18.99 6.11
N ARG B 168 20.11 17.70 6.18
CA ARG B 168 19.93 17.00 7.48
C ARG B 168 21.10 16.09 7.77
N LEU B 169 21.44 15.24 6.80
CA LEU B 169 22.54 14.32 6.94
C LEU B 169 23.78 15.08 6.45
N THR B 170 24.24 15.99 7.29
CA THR B 170 25.34 16.89 6.97
C THR B 170 26.74 16.34 7.20
N GLU B 171 27.71 16.94 6.52
CA GLU B 171 29.11 16.54 6.61
C GLU B 171 29.68 16.45 8.01
N ASP B 172 29.19 17.28 8.92
CA ASP B 172 29.67 17.26 10.29
C ASP B 172 29.21 15.95 10.95
N ARG B 173 28.26 15.26 10.32
CA ARG B 173 27.78 14.00 10.87
C ARG B 173 28.30 12.78 10.10
N PHE B 174 29.13 12.97 9.08
CA PHE B 174 29.60 11.83 8.32
C PHE B 174 30.38 10.78 9.12
N VAL B 175 31.16 11.21 10.10
CA VAL B 175 31.94 10.26 10.86
C VAL B 175 31.09 9.51 11.88
N SER B 176 30.20 10.20 12.58
CA SER B 176 29.39 9.50 13.58
C SER B 176 28.40 8.60 12.87
N GLN B 177 27.87 9.06 11.76
CA GLN B 177 26.92 8.23 11.04
C GLN B 177 27.62 7.13 10.26
N GLY B 178 28.79 7.41 9.70
CA GLY B 178 29.51 6.35 8.99
C GLY B 178 29.82 5.23 9.98
N GLU B 179 30.23 5.57 11.18
CA GLU B 179 30.55 4.53 12.13
C GLU B 179 29.33 3.75 12.56
N LEU B 180 28.19 4.41 12.61
CA LEU B 180 26.96 3.74 13.00
C LEU B 180 26.55 2.78 11.85
N VAL B 181 26.64 3.23 10.61
CA VAL B 181 26.30 2.38 9.47
C VAL B 181 27.25 1.19 9.38
N ARG B 182 28.55 1.44 9.58
CA ARG B 182 29.62 0.43 9.56
C ARG B 182 29.29 -0.63 10.61
N ASP B 183 29.04 -0.19 11.84
CA ASP B 183 28.74 -1.10 12.92
C ASP B 183 27.48 -1.94 12.71
N THR B 184 26.48 -1.35 12.07
CA THR B 184 25.24 -2.06 11.81
C THR B 184 25.50 -3.08 10.72
N ALA B 185 26.26 -2.71 9.71
CA ALA B 185 26.57 -3.68 8.66
C ALA B 185 27.42 -4.85 9.24
N ARG B 186 28.26 -4.53 10.19
CA ARG B 186 29.11 -5.55 10.79
C ARG B 186 28.25 -6.55 11.54
N ASP B 187 27.29 -6.01 12.29
CA ASP B 187 26.37 -6.83 13.07
C ASP B 187 25.46 -7.68 12.20
N ILE B 188 25.06 -7.15 11.03
CA ILE B 188 24.19 -7.94 10.17
C ILE B 188 25.05 -9.10 9.58
N SER B 189 26.27 -8.78 9.19
CA SER B 189 27.17 -9.77 8.67
C SER B 189 27.35 -10.86 9.74
N THR B 190 27.56 -10.45 10.98
CA THR B 190 27.78 -11.45 12.03
C THR B 190 26.54 -12.35 12.22
N ALA B 191 25.36 -11.74 12.21
CA ALA B 191 24.09 -12.43 12.37
C ALA B 191 23.91 -13.41 11.25
N LEU B 192 24.16 -12.94 10.03
CA LEU B 192 24.03 -13.78 8.86
C LEU B 192 24.93 -14.99 9.03
N GLY B 193 26.13 -14.76 9.54
CA GLY B 193 27.08 -15.85 9.73
C GLY B 193 26.71 -16.85 10.81
N LEU B 194 25.91 -16.41 11.77
CA LEU B 194 25.49 -17.32 12.84
C LEU B 194 24.41 -18.28 12.33
N LYS B 195 23.85 -18.01 11.16
CA LYS B 195 22.81 -18.90 10.63
C LYS B 195 23.41 -20.13 9.93
N LEU C 17 -7.88 0.06 7.62
CA LEU C 17 -7.31 0.16 6.25
C LEU C 17 -7.34 1.59 5.69
N TYR C 18 -6.17 2.21 5.67
CA TYR C 18 -5.96 3.56 5.23
C TYR C 18 -6.88 4.30 4.23
N PHE C 19 -6.72 5.60 4.32
CA PHE C 19 -7.43 6.61 3.55
C PHE C 19 -7.12 6.54 2.06
N GLN C 20 -5.88 6.23 1.72
CA GLN C 20 -5.50 6.18 0.31
C GLN C 20 -6.43 5.29 -0.51
N GLY C 21 -6.78 4.13 0.05
CA GLY C 21 -7.63 3.18 -0.63
C GLY C 21 -9.01 3.76 -0.90
N HIS C 22 -9.57 4.37 0.13
CA HIS C 22 -10.89 5.01 0.00
C HIS C 22 -10.87 6.06 -1.09
N MET C 23 -9.83 6.90 -1.10
CA MET C 23 -9.72 7.93 -2.10
C MET C 23 -9.60 7.34 -3.49
N ASP C 24 -8.86 6.24 -3.62
CA ASP C 24 -8.68 5.60 -4.92
C ASP C 24 -10.00 5.09 -5.42
N VAL C 25 -10.75 4.45 -4.52
CA VAL C 25 -12.03 3.96 -4.93
C VAL C 25 -12.93 5.11 -5.35
N LEU C 26 -13.02 6.16 -4.54
CA LEU C 26 -13.88 7.26 -4.93
C LEU C 26 -13.40 7.95 -6.22
N SER C 27 -12.09 7.99 -6.47
CA SER C 27 -11.56 8.62 -7.69
C SER C 27 -12.06 7.95 -8.97
N VAL C 28 -12.17 6.63 -8.98
CA VAL C 28 -12.66 6.00 -10.20
C VAL C 28 -14.14 5.71 -10.18
N ALA C 29 -14.76 5.72 -9.00
CA ALA C 29 -16.19 5.41 -8.87
C ALA C 29 -17.13 6.43 -9.50
N GLY C 30 -16.75 7.71 -9.45
CA GLY C 30 -17.61 8.76 -9.96
C GLY C 30 -18.48 8.52 -11.18
N PRO C 31 -17.88 8.38 -12.35
CA PRO C 31 -18.64 8.16 -13.60
C PRO C 31 -19.61 7.00 -13.48
N PHE C 32 -19.18 5.94 -12.79
CA PHE C 32 -20.02 4.78 -12.68
C PHE C 32 -21.23 5.01 -11.80
N MET C 33 -21.05 5.81 -10.75
CA MET C 33 -22.16 6.12 -9.84
C MET C 33 -23.29 6.88 -10.58
N ARG C 34 -22.94 7.80 -11.48
CA ARG C 34 -23.96 8.58 -12.20
C ARG C 34 -24.73 7.66 -13.13
N ARG C 35 -24.02 6.78 -13.81
CA ARG C 35 -24.67 5.85 -14.72
C ARG C 35 -25.59 4.91 -13.94
N LEU C 36 -25.13 4.43 -12.79
CA LEU C 36 -25.95 3.52 -12.02
C LEU C 36 -27.20 4.19 -11.45
N MET C 37 -27.06 5.42 -10.98
CA MET C 37 -28.19 6.17 -10.41
C MET C 37 -29.22 6.42 -11.52
N LEU C 38 -28.76 6.78 -12.71
CA LEU C 38 -29.71 7.04 -13.80
C LEU C 38 -30.44 5.79 -14.31
N LEU C 39 -29.74 4.64 -14.37
CA LEU C 39 -30.36 3.42 -14.88
C LEU C 39 -31.28 2.77 -13.86
N SER C 40 -30.94 2.91 -12.59
CA SER C 40 -31.72 2.33 -11.50
C SER C 40 -32.85 3.23 -10.97
N GLY C 41 -32.64 4.55 -11.00
CA GLY C 41 -33.64 5.48 -10.51
C GLY C 41 -33.59 5.59 -8.99
N GLU C 42 -32.48 5.12 -8.41
CA GLU C 42 -32.30 5.18 -6.95
C GLU C 42 -30.94 5.75 -6.52
N THR C 43 -30.87 6.19 -5.27
CA THR C 43 -29.65 6.73 -4.70
C THR C 43 -28.58 5.64 -4.76
N VAL C 44 -27.35 6.03 -5.10
CA VAL C 44 -26.22 5.09 -5.16
C VAL C 44 -25.30 5.43 -4.01
N ASN C 45 -24.87 4.39 -3.31
CA ASN C 45 -23.99 4.52 -2.19
C ASN C 45 -22.69 3.73 -2.34
N VAL C 46 -21.61 4.26 -1.76
CA VAL C 46 -20.32 3.59 -1.71
C VAL C 46 -19.95 3.51 -0.24
N ALA C 47 -19.66 2.30 0.21
CA ALA C 47 -19.32 2.06 1.62
C ALA C 47 -18.03 1.25 1.78
N ILE C 48 -17.41 1.42 2.95
CA ILE C 48 -16.19 0.71 3.33
C ILE C 48 -16.39 0.11 4.70
N ARG C 49 -15.56 -0.87 5.07
CA ARG C 49 -15.67 -1.47 6.38
C ARG C 49 -14.70 -0.70 7.25
N ASN C 50 -15.18 -0.23 8.38
CA ASN C 50 -14.37 0.52 9.33
C ASN C 50 -14.63 -0.17 10.63
N GLY C 51 -13.67 -1.02 11.00
CA GLY C 51 -13.77 -1.80 12.22
C GLY C 51 -14.78 -2.91 12.00
N ASN C 52 -15.95 -2.74 12.58
CA ASN C 52 -16.97 -3.76 12.44
C ASN C 52 -18.30 -3.24 11.93
N GLU C 53 -18.28 -2.11 11.23
CA GLU C 53 -19.49 -1.53 10.64
C GLU C 53 -19.16 -1.07 9.22
N ALA C 54 -20.20 -0.75 8.45
CA ALA C 54 -20.04 -0.27 7.09
C ALA C 54 -20.24 1.25 7.13
N VAL C 55 -19.29 2.02 6.61
CA VAL C 55 -19.42 3.46 6.64
C VAL C 55 -19.65 4.05 5.27
N LEU C 56 -20.67 4.88 5.15
CA LEU C 56 -20.96 5.52 3.86
C LEU C 56 -19.92 6.59 3.57
N ILE C 57 -19.15 6.39 2.50
CA ILE C 57 -18.12 7.37 2.10
C ILE C 57 -18.39 8.05 0.75
N GLY C 58 -19.35 7.52 -0.03
CA GLY C 58 -19.67 8.15 -1.32
C GLY C 58 -21.18 8.02 -1.52
N GLN C 59 -21.81 8.97 -2.21
CA GLN C 59 -23.28 8.90 -2.47
C GLN C 59 -23.67 9.84 -3.61
N LEU C 60 -24.56 9.39 -4.48
CA LEU C 60 -25.11 10.21 -5.53
C LEU C 60 -26.60 9.92 -5.42
N GLU C 61 -27.36 10.87 -4.87
CA GLU C 61 -28.80 10.65 -4.69
C GLU C 61 -29.59 10.77 -5.99
N CYS C 62 -30.69 10.02 -6.11
CA CYS C 62 -31.53 10.14 -7.30
C CYS C 62 -32.37 11.44 -7.16
N LYS C 63 -33.17 11.77 -8.18
CA LYS C 63 -33.99 12.99 -8.21
C LYS C 63 -35.32 12.99 -7.44
N SER C 64 -35.93 11.82 -7.25
CA SER C 64 -37.20 11.73 -6.57
C SER C 64 -37.19 12.29 -5.14
N MET C 65 -38.21 13.05 -4.78
CA MET C 65 -38.16 13.61 -3.44
C MET C 65 -38.41 12.58 -2.34
N VAL C 66 -38.78 11.38 -2.72
CA VAL C 66 -38.92 10.30 -1.74
C VAL C 66 -37.76 9.37 -2.15
N ARG C 67 -36.82 9.12 -1.24
CA ARG C 67 -35.68 8.30 -1.58
C ARG C 67 -34.82 7.99 -0.36
N MET C 68 -33.73 7.24 -0.59
CA MET C 68 -32.83 6.98 0.53
C MET C 68 -31.88 8.19 0.52
N CYS C 69 -31.64 8.76 1.71
CA CYS C 69 -30.75 9.92 1.79
C CYS C 69 -30.01 10.03 3.10
N ALA C 70 -29.43 8.92 3.51
CA ALA C 70 -28.61 8.86 4.73
C ALA C 70 -27.41 9.75 4.39
N PRO C 71 -26.85 10.42 5.40
CA PRO C 71 -25.70 11.30 5.18
C PRO C 71 -24.38 10.52 5.12
N LEU C 72 -23.38 11.11 4.47
CA LEU C 72 -22.05 10.47 4.43
C LEU C 72 -21.63 10.30 5.87
N GLY C 73 -20.86 9.26 6.15
CA GLY C 73 -20.44 8.99 7.52
C GLY C 73 -21.44 8.11 8.27
N SER C 74 -22.60 7.85 7.68
CA SER C 74 -23.55 6.98 8.35
C SER C 74 -22.92 5.61 8.56
N ARG C 75 -23.09 5.02 9.74
CA ARG C 75 -22.55 3.69 10.01
C ARG C 75 -23.69 2.71 9.79
N LEU C 76 -23.42 1.64 9.06
CA LEU C 76 -24.45 0.66 8.79
C LEU C 76 -24.02 -0.68 9.29
N PRO C 77 -24.99 -1.53 9.69
CA PRO C 77 -24.62 -2.85 10.18
C PRO C 77 -24.14 -3.76 9.05
N LEU C 78 -23.05 -4.47 9.30
CA LEU C 78 -22.49 -5.38 8.31
C LEU C 78 -23.42 -6.55 7.92
N HIS C 79 -24.20 -7.05 8.88
CA HIS C 79 -25.07 -8.18 8.62
C HIS C 79 -26.44 -7.83 8.15
N ALA C 80 -26.84 -6.58 8.30
CA ALA C 80 -28.22 -6.24 7.97
C ALA C 80 -28.45 -5.28 6.81
N SER C 81 -27.40 -4.60 6.35
CA SER C 81 -27.56 -3.69 5.22
C SER C 81 -27.00 -4.31 3.96
N GLY C 82 -27.57 -3.92 2.82
CA GLY C 82 -27.12 -4.47 1.56
C GLY C 82 -25.64 -4.18 1.38
N ALA C 83 -25.24 -2.95 1.63
CA ALA C 83 -23.85 -2.55 1.49
C ALA C 83 -22.95 -3.35 2.47
N GLY C 84 -23.40 -3.52 3.72
CA GLY C 84 -22.65 -4.32 4.66
C GLY C 84 -22.43 -5.79 4.27
N LYS C 85 -23.48 -6.45 3.79
CA LYS C 85 -23.38 -7.83 3.41
C LYS C 85 -22.42 -7.95 2.23
N ALA C 86 -22.38 -6.91 1.39
CA ALA C 86 -21.45 -6.95 0.24
C ALA C 86 -20.00 -6.87 0.72
N LEU C 87 -19.74 -6.22 1.86
CA LEU C 87 -18.36 -6.20 2.41
C LEU C 87 -18.05 -7.54 3.08
N LEU C 88 -19.08 -8.28 3.47
CA LEU C 88 -18.83 -9.57 4.10
C LEU C 88 -18.74 -10.81 3.17
N TYR C 89 -19.61 -10.91 2.17
CA TYR C 89 -19.62 -12.10 1.35
C TYR C 89 -18.30 -12.60 0.74
N PRO C 90 -17.33 -11.71 0.42
CA PRO C 90 -16.07 -12.22 -0.17
C PRO C 90 -15.14 -12.87 0.83
N LEU C 91 -15.37 -12.63 2.12
CA LEU C 91 -14.47 -13.12 3.18
C LEU C 91 -14.63 -14.61 3.51
N ALA C 92 -13.56 -15.21 4.01
CA ALA C 92 -13.55 -16.62 4.39
C ALA C 92 -14.47 -16.74 5.60
N GLU C 93 -15.12 -17.90 5.71
CA GLU C 93 -16.06 -18.17 6.79
C GLU C 93 -15.48 -17.89 8.17
N GLU C 94 -14.24 -18.31 8.38
CA GLU C 94 -13.61 -18.13 9.68
C GLU C 94 -13.47 -16.64 9.98
N GLU C 95 -13.14 -15.87 8.96
CA GLU C 95 -13.01 -14.42 9.12
C GLU C 95 -14.38 -13.80 9.47
N LEU C 96 -15.42 -14.26 8.78
CA LEU C 96 -16.80 -13.80 9.04
C LEU C 96 -17.25 -14.15 10.46
N MET C 97 -16.95 -15.36 10.91
CA MET C 97 -17.35 -15.76 12.26
C MET C 97 -16.67 -14.85 13.26
N SER C 98 -15.41 -14.54 13.01
CA SER C 98 -14.64 -13.67 13.87
C SER C 98 -15.26 -12.29 14.03
N ILE C 99 -15.69 -11.71 12.90
CA ILE C 99 -16.31 -10.41 12.91
C ILE C 99 -17.66 -10.44 13.62
N ILE C 100 -18.47 -11.42 13.25
CA ILE C 100 -19.81 -11.55 13.84
C ILE C 100 -19.78 -11.80 15.34
N LEU C 101 -18.87 -12.66 15.80
CA LEU C 101 -18.80 -12.89 17.25
C LEU C 101 -18.53 -11.56 17.97
N GLN C 102 -17.80 -10.65 17.31
CA GLN C 102 -17.52 -9.36 17.91
C GLN C 102 -18.67 -8.38 17.80
N THR C 103 -19.39 -8.39 16.68
CA THR C 103 -20.49 -7.45 16.50
C THR C 103 -21.84 -7.88 17.06
N GLY C 104 -22.11 -9.17 17.01
CA GLY C 104 -23.42 -9.65 17.41
C GLY C 104 -24.23 -9.54 16.12
N LEU C 105 -25.49 -9.97 16.15
CA LEU C 105 -26.40 -9.90 15.00
C LEU C 105 -27.67 -9.25 15.45
N GLN C 106 -27.55 -7.99 15.84
CA GLN C 106 -28.66 -7.17 16.33
C GLN C 106 -29.81 -7.15 15.30
N GLN C 107 -31.04 -7.21 15.80
CA GLN C 107 -32.19 -7.16 14.91
C GLN C 107 -32.58 -5.71 14.67
N PHE C 108 -32.79 -5.37 13.40
CA PHE C 108 -33.19 -4.02 13.11
C PHE C 108 -34.65 -3.98 12.70
N THR C 109 -35.09 -5.04 12.03
CA THR C 109 -36.47 -5.11 11.57
C THR C 109 -36.94 -6.50 11.86
N PRO C 110 -38.23 -6.75 11.68
CA PRO C 110 -38.65 -8.12 11.98
C PRO C 110 -38.01 -9.19 11.10
N THR C 111 -37.49 -8.83 9.93
CA THR C 111 -36.85 -9.84 9.08
C THR C 111 -35.28 -9.81 8.97
N THR C 112 -34.62 -9.08 9.85
CA THR C 112 -33.15 -9.03 9.84
C THR C 112 -32.63 -10.44 10.03
N LEU C 113 -31.51 -10.79 9.39
CA LEU C 113 -30.92 -12.10 9.62
C LEU C 113 -30.25 -12.06 11.00
N VAL C 114 -30.71 -12.89 11.91
CA VAL C 114 -30.18 -12.84 13.26
C VAL C 114 -29.43 -14.04 13.83
N ASP C 115 -28.97 -14.93 12.96
CA ASP C 115 -28.19 -16.08 13.41
C ASP C 115 -27.17 -16.42 12.33
N MET C 116 -26.02 -16.96 12.72
CA MET C 116 -24.96 -17.31 11.79
C MET C 116 -25.36 -18.17 10.61
N PRO C 117 -26.01 -19.31 10.85
CA PRO C 117 -26.40 -20.20 9.74
C PRO C 117 -27.20 -19.49 8.63
N THR C 118 -28.20 -18.69 8.99
CA THR C 118 -29.00 -18.03 7.95
C THR C 118 -28.21 -16.93 7.29
N LEU C 119 -27.42 -16.22 8.09
CA LEU C 119 -26.59 -15.14 7.54
C LEU C 119 -25.62 -15.79 6.56
N LEU C 120 -24.97 -16.88 6.95
CA LEU C 120 -23.99 -17.52 6.07
C LEU C 120 -24.59 -18.00 4.76
N LYS C 121 -25.79 -18.58 4.85
CA LYS C 121 -26.45 -19.03 3.64
C LYS C 121 -26.72 -17.86 2.70
N ASP C 122 -27.12 -16.73 3.27
CA ASP C 122 -27.43 -15.54 2.47
C ASP C 122 -26.15 -15.04 1.82
N LEU C 123 -25.05 -15.03 2.57
CA LEU C 123 -23.79 -14.55 1.96
C LEU C 123 -23.28 -15.52 0.90
N GLU C 124 -23.43 -16.82 1.12
CA GLU C 124 -23.00 -17.77 0.10
C GLU C 124 -23.76 -17.52 -1.19
N GLN C 125 -25.07 -17.25 -1.08
CA GLN C 125 -25.87 -16.98 -2.28
C GLN C 125 -25.34 -15.71 -2.96
N ALA C 126 -25.04 -14.70 -2.16
CA ALA C 126 -24.55 -13.45 -2.71
C ALA C 126 -23.21 -13.67 -3.44
N ARG C 127 -22.32 -14.46 -2.87
CA ARG C 127 -21.02 -14.70 -3.51
C ARG C 127 -21.23 -15.41 -4.86
N GLU C 128 -22.20 -16.31 -4.88
CA GLU C 128 -22.51 -17.04 -6.13
C GLU C 128 -23.06 -16.09 -7.21
N LEU C 129 -24.00 -15.24 -6.81
CA LEU C 129 -24.64 -14.32 -7.73
C LEU C 129 -23.87 -13.06 -8.05
N GLY C 130 -22.93 -12.70 -7.17
CA GLY C 130 -22.16 -11.46 -7.36
C GLY C 130 -22.87 -10.18 -6.86
N TYR C 131 -23.93 -10.35 -6.09
CA TYR C 131 -24.63 -9.20 -5.51
C TYR C 131 -25.45 -9.68 -4.32
N THR C 132 -25.68 -8.75 -3.41
CA THR C 132 -26.49 -9.06 -2.26
C THR C 132 -27.83 -8.31 -2.36
N VAL C 133 -28.83 -8.79 -1.63
CA VAL C 133 -30.14 -8.15 -1.59
C VAL C 133 -30.53 -8.04 -0.10
N ASP C 134 -30.90 -6.83 0.30
CA ASP C 134 -31.34 -6.52 1.66
C ASP C 134 -32.77 -6.07 1.45
N LYS C 135 -33.77 -6.92 1.76
CA LYS C 135 -35.17 -6.53 1.56
C LYS C 135 -35.73 -6.16 2.94
N GLU C 136 -35.65 -4.88 3.28
CA GLU C 136 -36.16 -4.37 4.55
C GLU C 136 -35.56 -5.09 5.76
N GLU C 137 -34.26 -5.43 5.67
CA GLU C 137 -33.58 -6.13 6.77
C GLU C 137 -32.90 -5.16 7.74
N HIS C 138 -32.70 -3.93 7.28
CA HIS C 138 -32.08 -2.85 8.01
C HIS C 138 -33.09 -1.77 8.41
N VAL C 139 -33.81 -1.29 7.41
CA VAL C 139 -34.82 -0.26 7.59
C VAL C 139 -36.10 -0.72 6.90
N VAL C 140 -37.22 -0.71 7.64
CA VAL C 140 -38.52 -1.09 7.08
C VAL C 140 -38.77 -0.08 5.95
N GLY C 141 -39.19 -0.59 4.81
CA GLY C 141 -39.45 0.29 3.67
C GLY C 141 -38.23 0.61 2.81
N LEU C 142 -37.09 0.03 3.19
CA LEU C 142 -35.83 0.27 2.45
C LEU C 142 -35.24 -1.00 1.85
N ASN C 143 -35.05 -1.04 0.52
CA ASN C 143 -34.42 -2.18 -0.12
C ASN C 143 -33.07 -1.67 -0.59
N CYS C 144 -32.03 -2.50 -0.45
CA CYS C 144 -30.63 -2.15 -0.84
C CYS C 144 -30.04 -3.30 -1.61
N ILE C 145 -29.49 -3.06 -2.81
CA ILE C 145 -28.91 -4.13 -3.59
C ILE C 145 -27.45 -3.74 -3.80
N ALA C 146 -26.50 -4.58 -3.41
CA ALA C 146 -25.10 -4.13 -3.49
C ALA C 146 -24.12 -5.18 -4.02
N SER C 147 -22.89 -4.77 -4.33
CA SER C 147 -21.90 -5.70 -4.82
C SER C 147 -20.51 -5.26 -4.37
N ALA C 148 -19.62 -6.21 -4.23
CA ALA C 148 -18.28 -5.94 -3.77
C ALA C 148 -17.37 -5.32 -4.80
N ILE C 149 -16.57 -4.36 -4.34
CA ILE C 149 -15.55 -3.72 -5.21
C ILE C 149 -14.19 -4.28 -4.71
N TYR C 150 -13.38 -4.77 -5.65
CA TYR C 150 -12.09 -5.39 -5.31
C TYR C 150 -10.87 -4.60 -5.80
N ASP C 151 -9.79 -4.68 -5.04
CA ASP C 151 -8.57 -3.97 -5.43
C ASP C 151 -7.73 -4.80 -6.39
N ASP C 152 -6.56 -4.28 -6.75
CA ASP C 152 -5.69 -4.92 -7.73
C ASP C 152 -5.14 -6.31 -7.35
N VAL C 153 -5.34 -6.71 -6.08
CA VAL C 153 -4.94 -8.04 -5.62
C VAL C 153 -6.16 -8.96 -5.37
N GLY C 154 -7.37 -8.46 -5.64
CA GLY C 154 -8.54 -9.30 -5.45
C GLY C 154 -9.19 -9.25 -4.08
N SER C 155 -8.76 -8.31 -3.25
CA SER C 155 -9.38 -8.26 -1.94
C SER C 155 -10.53 -7.26 -1.96
N VAL C 156 -11.57 -7.52 -1.19
CA VAL C 156 -12.71 -6.60 -1.17
C VAL C 156 -12.31 -5.33 -0.40
N VAL C 157 -12.42 -4.19 -1.06
CA VAL C 157 -12.07 -2.92 -0.44
C VAL C 157 -13.23 -1.97 -0.23
N ALA C 158 -14.35 -2.22 -0.90
CA ALA C 158 -15.51 -1.33 -0.77
C ALA C 158 -16.74 -2.02 -1.36
N ALA C 159 -17.89 -1.34 -1.34
CA ALA C 159 -19.09 -1.91 -1.95
C ALA C 159 -19.91 -0.77 -2.47
N ILE C 160 -20.62 -0.99 -3.57
CA ILE C 160 -21.47 0.01 -4.14
C ILE C 160 -22.87 -0.57 -4.14
N SER C 161 -23.88 0.28 -3.96
CA SER C 161 -25.25 -0.24 -3.89
C SER C 161 -26.24 0.82 -4.37
N ILE C 162 -27.47 0.38 -4.61
CA ILE C 162 -28.55 1.29 -4.92
C ILE C 162 -29.45 1.04 -3.71
N SER C 163 -30.10 2.08 -3.21
CA SER C 163 -30.92 1.94 -2.01
C SER C 163 -32.16 2.77 -2.24
N GLY C 164 -33.31 2.17 -2.08
CA GLY C 164 -34.49 2.99 -2.27
C GLY C 164 -35.70 2.35 -1.64
N PRO C 165 -36.83 3.05 -1.76
CA PRO C 165 -38.10 2.58 -1.21
C PRO C 165 -38.48 1.22 -1.77
N SER C 166 -38.94 0.35 -0.88
CA SER C 166 -39.36 -0.99 -1.23
C SER C 166 -40.51 -0.96 -2.22
N SER C 167 -41.30 0.12 -2.24
CA SER C 167 -42.43 0.23 -3.18
C SER C 167 -41.98 0.52 -4.61
N ARG C 168 -40.73 0.99 -4.76
CA ARG C 168 -40.19 1.31 -6.07
C ARG C 168 -39.17 0.25 -6.50
N LEU C 169 -38.30 -0.14 -5.57
CA LEU C 169 -37.27 -1.17 -5.83
C LEU C 169 -37.90 -2.49 -5.45
N THR C 170 -38.82 -2.94 -6.30
CA THR C 170 -39.60 -4.14 -6.08
C THR C 170 -38.92 -5.47 -6.37
N GLU C 171 -39.47 -6.53 -5.75
CA GLU C 171 -38.94 -7.87 -5.90
C GLU C 171 -38.73 -8.28 -7.33
N ASP C 172 -39.65 -7.87 -8.19
CA ASP C 172 -39.54 -8.26 -9.60
C ASP C 172 -38.36 -7.59 -10.29
N ARG C 173 -37.79 -6.57 -9.64
CA ARG C 173 -36.64 -5.87 -10.22
C ARG C 173 -35.28 -6.31 -9.64
N PHE C 174 -35.29 -7.16 -8.62
CA PHE C 174 -34.03 -7.57 -7.98
C PHE C 174 -32.98 -8.19 -8.88
N VAL C 175 -33.38 -9.12 -9.73
CA VAL C 175 -32.40 -9.77 -10.61
C VAL C 175 -31.81 -8.74 -11.59
N SER C 176 -32.66 -7.95 -12.23
CA SER C 176 -32.13 -7.01 -13.20
C SER C 176 -31.26 -5.94 -12.56
N GLN C 177 -31.69 -5.44 -11.40
CA GLN C 177 -30.92 -4.39 -10.72
C GLN C 177 -29.69 -4.97 -10.06
N GLY C 178 -29.80 -6.22 -9.60
CA GLY C 178 -28.67 -6.87 -8.97
C GLY C 178 -27.58 -7.07 -9.99
N GLU C 179 -27.97 -7.46 -11.20
CA GLU C 179 -26.96 -7.66 -12.24
C GLU C 179 -26.34 -6.33 -12.67
N LEU C 180 -27.13 -5.26 -12.67
CA LEU C 180 -26.62 -3.95 -13.02
C LEU C 180 -25.63 -3.49 -11.96
N VAL C 181 -26.00 -3.69 -10.70
CA VAL C 181 -25.10 -3.29 -9.63
C VAL C 181 -23.81 -4.13 -9.69
N ARG C 182 -23.95 -5.43 -9.90
CA ARG C 182 -22.80 -6.36 -10.01
C ARG C 182 -21.86 -5.90 -11.16
N ASP C 183 -22.44 -5.60 -12.34
CA ASP C 183 -21.58 -5.17 -13.46
C ASP C 183 -20.91 -3.85 -13.18
N THR C 184 -21.57 -2.95 -12.44
CA THR C 184 -21.01 -1.65 -12.12
C THR C 184 -19.82 -1.84 -11.18
N ALA C 185 -19.98 -2.69 -10.16
CA ALA C 185 -18.89 -2.97 -9.22
C ALA C 185 -17.72 -3.66 -9.95
N ARG C 186 -18.03 -4.52 -10.89
CA ARG C 186 -17.01 -5.22 -11.69
C ARG C 186 -16.21 -4.18 -12.48
N ASP C 187 -16.93 -3.25 -13.10
CA ASP C 187 -16.22 -2.22 -13.85
C ASP C 187 -15.40 -1.28 -12.97
N ILE C 188 -15.91 -0.92 -11.78
CA ILE C 188 -15.17 -0.05 -10.89
C ILE C 188 -13.91 -0.78 -10.44
N SER C 189 -14.02 -2.08 -10.18
CA SER C 189 -12.88 -2.90 -9.74
C SER C 189 -11.85 -2.92 -10.89
N THR C 190 -12.33 -3.09 -12.11
CA THR C 190 -11.40 -3.09 -13.25
C THR C 190 -10.69 -1.73 -13.40
N ALA C 191 -11.46 -0.64 -13.31
CA ALA C 191 -10.91 0.71 -13.43
C ALA C 191 -9.87 0.92 -12.35
N LEU C 192 -10.20 0.51 -11.13
CA LEU C 192 -9.28 0.66 -10.02
C LEU C 192 -7.97 -0.07 -10.33
N GLY C 193 -8.11 -1.23 -10.98
CA GLY C 193 -6.97 -2.07 -11.33
C GLY C 193 -6.08 -1.46 -12.40
N LEU C 194 -6.65 -0.62 -13.25
CA LEU C 194 -5.87 0.06 -14.29
C LEU C 194 -5.14 1.28 -13.72
N LYS C 195 -5.59 1.73 -12.55
CA LYS C 195 -5.02 2.88 -11.87
C LYS C 195 -3.60 2.61 -11.37
N GLY D 13 4.88 -2.11 -4.60
CA GLY D 13 3.70 -2.69 -3.90
C GLY D 13 3.81 -4.19 -3.65
N ARG D 14 2.67 -4.85 -3.55
CA ARG D 14 2.65 -6.29 -3.32
C ARG D 14 3.14 -7.05 -4.54
N GLU D 15 3.19 -6.37 -5.67
CA GLU D 15 3.65 -6.97 -6.91
C GLU D 15 5.17 -7.16 -6.85
N ASN D 16 5.81 -6.59 -5.84
CA ASN D 16 7.25 -6.73 -5.74
C ASN D 16 7.60 -8.00 -4.94
N LEU D 17 8.56 -8.76 -5.42
CA LEU D 17 8.97 -9.98 -4.75
C LEU D 17 9.42 -9.69 -3.32
N TYR D 18 10.08 -8.54 -3.11
CA TYR D 18 10.57 -8.23 -1.76
C TYR D 18 9.65 -7.41 -0.86
N PHE D 19 8.40 -7.30 -1.27
CA PHE D 19 7.39 -6.58 -0.51
C PHE D 19 7.60 -6.88 0.97
N GLN D 20 7.65 -5.84 1.80
CA GLN D 20 7.85 -6.04 3.23
C GLN D 20 6.82 -7.02 3.83
N GLY D 21 5.59 -7.00 3.30
CA GLY D 21 4.56 -7.92 3.79
C GLY D 21 5.00 -9.37 3.67
N HIS D 22 5.69 -9.69 2.59
CA HIS D 22 6.20 -11.03 2.40
C HIS D 22 7.22 -11.37 3.46
N MET D 23 8.13 -10.43 3.70
CA MET D 23 9.16 -10.64 4.69
C MET D 23 8.56 -10.77 6.07
N ASP D 24 7.49 -10.04 6.31
CA ASP D 24 6.83 -10.12 7.60
C ASP D 24 6.34 -11.54 7.82
N VAL D 25 5.80 -12.16 6.76
CA VAL D 25 5.31 -13.53 6.89
C VAL D 25 6.44 -14.46 7.33
N LEU D 26 7.61 -14.33 6.69
CA LEU D 26 8.74 -15.16 7.04
C LEU D 26 9.25 -14.96 8.47
N SER D 27 9.29 -13.71 8.89
CA SER D 27 9.79 -13.37 10.22
C SER D 27 8.96 -14.01 11.35
N VAL D 28 7.70 -14.36 11.08
CA VAL D 28 6.90 -15.00 12.13
C VAL D 28 6.66 -16.47 11.88
N ALA D 29 6.86 -16.93 10.65
CA ALA D 29 6.59 -18.33 10.27
C ALA D 29 7.53 -19.43 10.77
N GLY D 30 8.79 -19.08 11.04
CA GLY D 30 9.77 -20.05 11.50
C GLY D 30 9.37 -21.15 12.44
N PRO D 31 8.90 -20.81 13.64
CA PRO D 31 8.49 -21.78 14.66
C PRO D 31 7.39 -22.73 14.17
N PHE D 32 6.47 -22.17 13.38
CA PHE D 32 5.34 -22.95 12.87
C PHE D 32 5.80 -23.89 11.75
N MET D 33 6.74 -23.43 10.94
CA MET D 33 7.26 -24.28 9.90
C MET D 33 8.01 -25.46 10.52
N ARG D 34 8.73 -25.23 11.62
CA ARG D 34 9.48 -26.31 12.23
C ARG D 34 8.52 -27.36 12.76
N ARG D 35 7.45 -26.90 13.42
CA ARG D 35 6.45 -27.77 13.98
C ARG D 35 5.76 -28.59 12.88
N LEU D 36 5.36 -27.93 11.80
CA LEU D 36 4.73 -28.61 10.70
C LEU D 36 5.64 -29.63 9.99
N MET D 37 6.93 -29.32 9.82
CA MET D 37 7.85 -30.26 9.19
C MET D 37 7.98 -31.52 10.09
N LEU D 38 8.12 -31.32 11.40
CA LEU D 38 8.24 -32.45 12.31
C LEU D 38 6.96 -33.30 12.40
N LEU D 39 5.80 -32.66 12.41
CA LEU D 39 4.56 -33.44 12.51
C LEU D 39 4.17 -34.09 11.21
N SER D 40 4.58 -33.48 10.09
CA SER D 40 4.22 -33.99 8.78
C SER D 40 5.25 -34.94 8.16
N GLY D 41 6.53 -34.73 8.46
CA GLY D 41 7.57 -35.58 7.90
C GLY D 41 7.97 -35.15 6.49
N GLU D 42 7.44 -34.02 6.04
CA GLU D 42 7.74 -33.50 4.69
C GLU D 42 8.25 -32.05 4.68
N THR D 43 8.88 -31.69 3.56
CA THR D 43 9.38 -30.36 3.34
C THR D 43 8.25 -29.32 3.40
N VAL D 44 8.49 -28.26 4.16
CA VAL D 44 7.55 -27.17 4.31
C VAL D 44 8.02 -25.99 3.46
N ASN D 45 7.06 -25.41 2.75
CA ASN D 45 7.30 -24.29 1.88
C ASN D 45 6.31 -23.17 2.20
N VAL D 46 6.76 -21.93 2.01
CA VAL D 46 5.95 -20.72 2.18
C VAL D 46 6.08 -20.04 0.81
N ALA D 47 4.96 -19.73 0.19
CA ALA D 47 4.99 -19.11 -1.11
C ALA D 47 4.15 -17.85 -1.14
N ILE D 48 4.45 -16.94 -2.08
CA ILE D 48 3.65 -15.73 -2.23
C ILE D 48 3.39 -15.59 -3.75
N ARG D 49 2.40 -14.80 -4.11
CA ARG D 49 2.05 -14.60 -5.52
C ARG D 49 2.89 -13.48 -6.09
N ASN D 50 3.60 -13.76 -7.18
CA ASN D 50 4.45 -12.77 -7.84
C ASN D 50 4.59 -13.14 -9.30
N GLY D 51 4.30 -12.21 -10.21
CA GLY D 51 4.41 -12.49 -11.63
C GLY D 51 3.48 -13.61 -12.07
N ASN D 52 2.31 -13.63 -11.45
CA ASN D 52 1.30 -14.63 -11.73
C ASN D 52 1.78 -16.08 -11.54
N GLU D 53 2.74 -16.26 -10.64
CA GLU D 53 3.25 -17.58 -10.29
C GLU D 53 3.37 -17.59 -8.76
N ALA D 54 3.55 -18.77 -8.19
CA ALA D 54 3.72 -18.92 -6.74
C ALA D 54 5.23 -19.06 -6.57
N VAL D 55 5.84 -18.18 -5.77
CA VAL D 55 7.26 -18.27 -5.60
C VAL D 55 7.63 -18.71 -4.20
N LEU D 56 8.55 -19.67 -4.11
CA LEU D 56 9.00 -20.19 -2.84
C LEU D 56 9.92 -19.15 -2.21
N ILE D 57 9.53 -18.59 -1.06
CA ILE D 57 10.37 -17.60 -0.41
C ILE D 57 10.88 -18.12 0.91
N GLY D 58 10.22 -19.17 1.38
CA GLY D 58 10.62 -19.80 2.62
C GLY D 58 10.54 -21.31 2.49
N GLN D 59 11.49 -21.99 3.14
CA GLN D 59 11.48 -23.42 3.08
C GLN D 59 12.24 -24.09 4.22
N LEU D 60 11.68 -25.18 4.70
CA LEU D 60 12.34 -25.95 5.73
C LEU D 60 12.23 -27.38 5.22
N GLU D 61 13.35 -27.94 4.77
CA GLU D 61 13.29 -29.31 4.25
C GLU D 61 13.16 -30.35 5.34
N CYS D 62 12.50 -31.48 5.04
CA CYS D 62 12.43 -32.54 6.03
C CYS D 62 13.78 -33.25 6.00
N LYS D 63 13.92 -34.26 6.88
CA LYS D 63 15.15 -35.04 7.03
C LYS D 63 15.40 -36.20 6.07
N SER D 64 14.34 -36.71 5.45
CA SER D 64 14.49 -37.88 4.58
C SER D 64 15.31 -37.60 3.32
N MET D 65 16.13 -38.56 2.92
CA MET D 65 16.96 -38.42 1.72
C MET D 65 16.14 -38.30 0.43
N VAL D 66 14.91 -38.80 0.45
CA VAL D 66 14.09 -38.67 -0.73
C VAL D 66 12.97 -37.74 -0.27
N ARG D 67 12.78 -36.66 -1.01
CA ARG D 67 11.81 -35.65 -0.64
C ARG D 67 11.64 -34.58 -1.73
N MET D 68 10.85 -33.56 -1.40
CA MET D 68 10.65 -32.44 -2.31
C MET D 68 11.81 -31.52 -1.98
N CYS D 69 12.55 -31.13 -3.02
CA CYS D 69 13.71 -30.27 -2.80
C CYS D 69 13.89 -29.22 -3.88
N ALA D 70 12.83 -28.48 -4.17
CA ALA D 70 12.92 -27.38 -5.12
C ALA D 70 13.63 -26.26 -4.36
N PRO D 71 14.56 -25.58 -5.03
CA PRO D 71 15.32 -24.48 -4.44
C PRO D 71 14.48 -23.24 -4.14
N LEU D 72 14.91 -22.44 -3.18
CA LEU D 72 14.20 -21.22 -2.87
C LEU D 72 14.21 -20.33 -4.11
N GLY D 73 13.09 -19.65 -4.39
CA GLY D 73 13.03 -18.81 -5.56
C GLY D 73 12.36 -19.50 -6.73
N SER D 74 12.15 -20.81 -6.59
CA SER D 74 11.49 -21.62 -7.62
C SER D 74 10.12 -21.00 -7.89
N ARG D 75 9.68 -20.99 -9.13
CA ARG D 75 8.39 -20.37 -9.45
C ARG D 75 7.46 -21.51 -9.86
N LEU D 76 6.34 -21.66 -9.16
CA LEU D 76 5.42 -22.76 -9.47
C LEU D 76 4.12 -22.26 -10.07
N PRO D 77 3.40 -23.15 -10.80
CA PRO D 77 2.14 -22.71 -11.41
C PRO D 77 1.02 -22.50 -10.42
N LEU D 78 0.28 -21.40 -10.55
CA LEU D 78 -0.82 -21.14 -9.59
C LEU D 78 -1.96 -22.14 -9.69
N HIS D 79 -2.23 -22.67 -10.89
CA HIS D 79 -3.37 -23.59 -11.03
C HIS D 79 -3.05 -25.05 -10.80
N ALA D 80 -1.77 -25.36 -10.68
CA ALA D 80 -1.39 -26.75 -10.55
C ALA D 80 -0.65 -27.21 -9.30
N SER D 81 -0.01 -26.29 -8.58
CA SER D 81 0.70 -26.65 -7.36
C SER D 81 -0.22 -26.39 -6.18
N GLY D 82 -0.04 -27.11 -5.09
CA GLY D 82 -0.88 -26.88 -3.92
C GLY D 82 -0.63 -25.48 -3.40
N ALA D 83 0.63 -25.11 -3.28
CA ALA D 83 0.95 -23.77 -2.80
C ALA D 83 0.25 -22.74 -3.69
N GLY D 84 0.30 -22.96 -5.00
CA GLY D 84 -0.39 -22.04 -5.89
C GLY D 84 -1.90 -21.97 -5.68
N LYS D 85 -2.54 -23.13 -5.61
CA LYS D 85 -3.97 -23.12 -5.44
C LYS D 85 -4.39 -22.45 -4.11
N ALA D 86 -3.53 -22.55 -3.11
CA ALA D 86 -3.84 -21.90 -1.82
C ALA D 86 -3.79 -20.37 -1.92
N LEU D 87 -2.99 -19.85 -2.86
CA LEU D 87 -2.91 -18.42 -3.08
C LEU D 87 -4.16 -17.98 -3.85
N LEU D 88 -4.74 -18.92 -4.61
CA LEU D 88 -5.93 -18.59 -5.40
C LEU D 88 -7.30 -18.82 -4.75
N TYR D 89 -7.46 -19.88 -3.97
CA TYR D 89 -8.81 -20.15 -3.51
C TYR D 89 -9.49 -19.03 -2.73
N PRO D 90 -8.72 -18.15 -2.08
CA PRO D 90 -9.48 -17.12 -1.35
C PRO D 90 -9.99 -15.98 -2.27
N LEU D 91 -9.51 -15.91 -3.50
CA LEU D 91 -9.88 -14.83 -4.41
C LEU D 91 -11.27 -14.96 -5.01
N ALA D 92 -11.81 -13.85 -5.48
CA ALA D 92 -13.12 -13.91 -6.10
C ALA D 92 -12.97 -14.23 -7.59
N GLU D 93 -14.05 -14.75 -8.17
CA GLU D 93 -14.03 -15.16 -9.56
C GLU D 93 -13.42 -14.20 -10.56
N GLU D 94 -13.75 -12.92 -10.50
CA GLU D 94 -13.22 -11.97 -11.49
C GLU D 94 -11.70 -11.81 -11.45
N GLU D 95 -11.15 -11.78 -10.25
CA GLU D 95 -9.69 -11.64 -10.13
C GLU D 95 -9.04 -12.93 -10.67
N LEU D 96 -9.66 -14.09 -10.37
CA LEU D 96 -9.16 -15.39 -10.84
C LEU D 96 -9.09 -15.42 -12.37
N MET D 97 -10.16 -14.95 -13.00
CA MET D 97 -10.23 -14.88 -14.46
C MET D 97 -9.14 -13.97 -14.94
N SER D 98 -8.90 -12.88 -14.21
CA SER D 98 -7.86 -11.95 -14.61
C SER D 98 -6.50 -12.61 -14.58
N ILE D 99 -6.26 -13.39 -13.55
CA ILE D 99 -4.99 -14.06 -13.42
C ILE D 99 -4.74 -15.12 -14.49
N ILE D 100 -5.72 -15.99 -14.64
CA ILE D 100 -5.61 -17.09 -15.56
C ILE D 100 -5.56 -16.62 -17.02
N LEU D 101 -6.16 -15.48 -17.32
CA LEU D 101 -6.09 -14.98 -18.71
C LEU D 101 -4.63 -14.75 -19.06
N GLN D 102 -3.85 -14.33 -18.07
CA GLN D 102 -2.43 -14.10 -18.32
C GLN D 102 -1.53 -15.35 -18.25
N THR D 103 -1.87 -16.30 -17.37
CA THR D 103 -1.03 -17.49 -17.24
C THR D 103 -1.38 -18.66 -18.13
N GLY D 104 -2.67 -18.82 -18.44
CA GLY D 104 -3.12 -19.97 -19.20
C GLY D 104 -3.23 -21.07 -18.16
N LEU D 105 -3.60 -22.28 -18.61
CA LEU D 105 -3.75 -23.43 -17.71
C LEU D 105 -2.98 -24.61 -18.31
N GLN D 106 -1.67 -24.46 -18.37
CA GLN D 106 -0.79 -25.48 -18.91
C GLN D 106 -1.03 -26.86 -18.28
N GLN D 107 -1.10 -27.91 -19.10
CA GLN D 107 -1.30 -29.23 -18.53
C GLN D 107 0.07 -29.79 -18.20
N PHE D 108 0.25 -30.17 -16.94
CA PHE D 108 1.54 -30.73 -16.52
C PHE D 108 1.48 -32.24 -16.46
N THR D 109 0.37 -32.77 -15.97
CA THR D 109 0.19 -34.22 -15.84
C THR D 109 -1.22 -34.54 -16.26
N PRO D 110 -1.58 -35.82 -16.28
CA PRO D 110 -2.95 -36.13 -16.69
C PRO D 110 -4.04 -35.68 -15.71
N THR D 111 -3.63 -35.27 -14.51
CA THR D 111 -4.60 -34.83 -13.52
C THR D 111 -4.68 -33.29 -13.34
N THR D 112 -3.81 -32.53 -14.04
CA THR D 112 -3.85 -31.06 -13.95
C THR D 112 -5.26 -30.52 -14.29
N LEU D 113 -5.70 -29.50 -13.59
CA LEU D 113 -6.98 -28.86 -13.87
C LEU D 113 -6.63 -28.01 -15.10
N VAL D 114 -7.34 -28.22 -16.20
CA VAL D 114 -6.99 -27.52 -17.40
C VAL D 114 -8.04 -26.65 -18.06
N ASP D 115 -9.18 -26.43 -17.41
CA ASP D 115 -10.14 -25.45 -17.94
C ASP D 115 -10.61 -24.67 -16.70
N MET D 116 -11.25 -23.53 -16.90
CA MET D 116 -11.63 -22.69 -15.77
C MET D 116 -12.69 -23.26 -14.84
N PRO D 117 -13.77 -23.81 -15.41
CA PRO D 117 -14.81 -24.36 -14.54
C PRO D 117 -14.30 -25.41 -13.58
N THR D 118 -13.42 -26.28 -14.07
CA THR D 118 -12.88 -27.34 -13.23
C THR D 118 -11.99 -26.75 -12.15
N LEU D 119 -11.16 -25.76 -12.51
CA LEU D 119 -10.29 -25.07 -11.52
C LEU D 119 -11.15 -24.39 -10.43
N LEU D 120 -12.13 -23.60 -10.86
CA LEU D 120 -13.01 -22.90 -9.90
C LEU D 120 -13.69 -23.85 -8.93
N LYS D 121 -14.18 -24.96 -9.46
CA LYS D 121 -14.83 -25.97 -8.62
C LYS D 121 -13.86 -26.48 -7.55
N ASP D 122 -12.65 -26.77 -7.98
CA ASP D 122 -11.65 -27.24 -7.01
C ASP D 122 -11.33 -26.19 -5.95
N LEU D 123 -11.18 -24.94 -6.38
CA LEU D 123 -10.83 -23.86 -5.46
C LEU D 123 -11.98 -23.65 -4.47
N GLU D 124 -13.21 -23.75 -4.96
CA GLU D 124 -14.36 -23.63 -4.07
C GLU D 124 -14.31 -24.74 -3.00
N GLN D 125 -13.94 -25.95 -3.39
CA GLN D 125 -13.89 -27.04 -2.41
C GLN D 125 -12.83 -26.77 -1.34
N ALA D 126 -11.70 -26.20 -1.78
CA ALA D 126 -10.59 -25.85 -0.90
C ALA D 126 -11.01 -24.76 0.09
N ARG D 127 -11.76 -23.77 -0.41
CA ARG D 127 -12.18 -22.69 0.46
C ARG D 127 -13.06 -23.23 1.59
N GLU D 128 -13.87 -24.24 1.26
CA GLU D 128 -14.76 -24.86 2.24
C GLU D 128 -13.98 -25.64 3.30
N LEU D 129 -12.91 -26.31 2.87
CA LEU D 129 -12.08 -27.14 3.76
C LEU D 129 -11.03 -26.36 4.55
N GLY D 130 -10.51 -25.27 3.97
CA GLY D 130 -9.47 -24.52 4.66
C GLY D 130 -8.09 -25.01 4.22
N TYR D 131 -8.08 -25.85 3.18
CA TYR D 131 -6.82 -26.34 2.64
C TYR D 131 -7.05 -26.91 1.27
N THR D 132 -5.96 -27.00 0.54
CA THR D 132 -6.03 -27.54 -0.79
C THR D 132 -5.10 -28.72 -0.93
N VAL D 133 -5.39 -29.56 -1.92
CA VAL D 133 -4.60 -30.71 -2.24
C VAL D 133 -4.29 -30.67 -3.71
N ASP D 134 -3.05 -31.05 -4.00
CA ASP D 134 -2.54 -31.13 -5.35
C ASP D 134 -2.05 -32.56 -5.32
N LYS D 135 -2.70 -33.43 -6.09
CA LYS D 135 -2.33 -34.83 -6.11
C LYS D 135 -1.69 -35.11 -7.47
N GLU D 136 -0.38 -34.92 -7.54
CA GLU D 136 0.37 -35.14 -8.78
C GLU D 136 -0.17 -34.31 -9.92
N GLU D 137 -0.63 -33.09 -9.63
CA GLU D 137 -1.16 -32.20 -10.68
C GLU D 137 -0.08 -31.33 -11.31
N HIS D 138 1.07 -31.23 -10.62
CA HIS D 138 2.18 -30.42 -11.12
C HIS D 138 3.35 -31.29 -11.56
N VAL D 139 3.76 -32.16 -10.66
CA VAL D 139 4.88 -33.08 -10.86
C VAL D 139 4.43 -34.50 -10.52
N VAL D 140 4.61 -35.43 -11.46
CA VAL D 140 4.22 -36.81 -11.20
C VAL D 140 5.03 -37.30 -9.99
N GLY D 141 4.36 -38.01 -9.08
CA GLY D 141 5.02 -38.53 -7.89
C GLY D 141 5.12 -37.51 -6.76
N LEU D 142 4.53 -36.33 -6.94
CA LEU D 142 4.57 -35.29 -5.91
C LEU D 142 3.18 -34.85 -5.46
N ASN D 143 2.90 -34.93 -4.15
CA ASN D 143 1.63 -34.47 -3.59
C ASN D 143 1.90 -33.19 -2.79
N CYS D 144 0.92 -32.27 -2.76
CA CYS D 144 1.10 -31.03 -2.01
C CYS D 144 -0.18 -30.73 -1.25
N ILE D 145 -0.06 -30.23 -0.03
CA ILE D 145 -1.24 -29.89 0.76
C ILE D 145 -0.91 -28.50 1.25
N ALA D 146 -1.80 -27.53 1.00
CA ALA D 146 -1.48 -26.15 1.37
C ALA D 146 -2.68 -25.40 1.92
N SER D 147 -2.42 -24.28 2.56
CA SER D 147 -3.50 -23.45 3.12
C SER D 147 -3.04 -22.02 3.10
N ALA D 148 -4.01 -21.11 2.93
CA ALA D 148 -3.75 -19.68 2.82
C ALA D 148 -3.44 -18.99 4.16
N ILE D 149 -2.52 -18.05 4.10
CA ILE D 149 -2.13 -17.20 5.24
C ILE D 149 -2.74 -15.82 4.92
N TYR D 150 -3.47 -15.25 5.88
CA TYR D 150 -4.18 -13.97 5.68
C TYR D 150 -3.74 -12.86 6.61
N ASP D 151 -4.06 -11.62 6.23
CA ASP D 151 -3.70 -10.49 7.08
C ASP D 151 -4.88 -10.10 7.96
N ASP D 152 -4.75 -8.94 8.61
CA ASP D 152 -5.78 -8.38 9.52
C ASP D 152 -7.16 -8.12 8.89
N VAL D 153 -7.20 -7.82 7.60
CA VAL D 153 -8.48 -7.55 6.93
C VAL D 153 -9.10 -8.78 6.26
N GLY D 154 -8.39 -9.92 6.32
CA GLY D 154 -8.92 -11.15 5.73
C GLY D 154 -8.48 -11.41 4.30
N SER D 155 -7.47 -10.70 3.84
CA SER D 155 -6.98 -10.91 2.49
C SER D 155 -5.81 -11.93 2.54
N VAL D 156 -5.71 -12.79 1.52
CA VAL D 156 -4.63 -13.79 1.45
C VAL D 156 -3.35 -13.10 1.04
N VAL D 157 -2.29 -13.31 1.80
CA VAL D 157 -1.00 -12.68 1.53
C VAL D 157 0.14 -13.72 1.25
N ALA D 158 -0.10 -14.99 1.58
CA ALA D 158 0.91 -16.04 1.35
C ALA D 158 0.26 -17.41 1.52
N ALA D 159 1.06 -18.46 1.37
CA ALA D 159 0.56 -19.82 1.52
C ALA D 159 1.65 -20.70 2.11
N ILE D 160 1.26 -21.64 2.96
CA ILE D 160 2.23 -22.56 3.50
C ILE D 160 1.78 -23.94 3.03
N SER D 161 2.74 -24.78 2.66
CA SER D 161 2.44 -26.12 2.19
C SER D 161 3.43 -27.17 2.67
N ILE D 162 3.00 -28.42 2.61
CA ILE D 162 3.89 -29.55 2.83
C ILE D 162 3.85 -30.24 1.45
N SER D 163 5.02 -30.67 0.97
CA SER D 163 5.10 -31.32 -0.32
C SER D 163 5.98 -32.52 -0.15
N GLY D 164 5.56 -33.66 -0.69
CA GLY D 164 6.43 -34.84 -0.63
C GLY D 164 6.03 -35.94 -1.58
N PRO D 165 6.78 -37.05 -1.58
CA PRO D 165 6.49 -38.18 -2.44
C PRO D 165 5.05 -38.67 -2.30
N SER D 166 4.38 -38.84 -3.43
CA SER D 166 3.02 -39.37 -3.44
C SER D 166 2.88 -40.71 -2.69
N SER D 167 3.96 -41.49 -2.61
CA SER D 167 3.94 -42.78 -1.91
C SER D 167 3.99 -42.63 -0.40
N ARG D 168 4.44 -41.46 0.07
CA ARG D 168 4.55 -41.18 1.51
C ARG D 168 3.36 -40.33 1.97
N LEU D 169 3.11 -39.24 1.26
CA LEU D 169 2.02 -38.31 1.58
C LEU D 169 0.81 -38.86 0.87
N THR D 170 0.33 -40.00 1.37
CA THR D 170 -0.78 -40.72 0.77
C THR D 170 -2.16 -40.17 1.10
N GLU D 171 -3.13 -40.53 0.27
CA GLU D 171 -4.51 -40.07 0.41
C GLU D 171 -5.15 -40.27 1.75
N ASP D 172 -4.78 -41.34 2.46
CA ASP D 172 -5.35 -41.65 3.77
C ASP D 172 -4.83 -40.66 4.82
N ARG D 173 -3.87 -39.84 4.43
CA ARG D 173 -3.31 -38.84 5.33
C ARG D 173 -3.79 -37.41 5.00
N PHE D 174 -4.51 -37.25 3.89
CA PHE D 174 -4.98 -35.94 3.47
C PHE D 174 -5.83 -35.18 4.49
N VAL D 175 -6.65 -35.89 5.27
CA VAL D 175 -7.48 -35.20 6.24
C VAL D 175 -6.66 -34.76 7.44
N SER D 176 -5.92 -35.70 8.04
CA SER D 176 -5.13 -35.32 9.19
C SER D 176 -4.10 -34.26 8.79
N GLN D 177 -3.46 -34.41 7.66
CA GLN D 177 -2.46 -33.42 7.32
C GLN D 177 -3.04 -32.12 6.82
N GLY D 178 -4.19 -32.20 6.16
CA GLY D 178 -4.84 -30.99 5.67
C GLY D 178 -5.21 -30.16 6.88
N GLU D 179 -5.74 -30.81 7.91
CA GLU D 179 -6.15 -30.06 9.09
C GLU D 179 -4.94 -29.44 9.76
N LEU D 180 -3.83 -30.17 9.77
CA LEU D 180 -2.61 -29.68 10.37
C LEU D 180 -2.08 -28.44 9.60
N VAL D 181 -2.08 -28.52 8.28
CA VAL D 181 -1.62 -27.40 7.46
C VAL D 181 -2.57 -26.22 7.65
N ARG D 182 -3.88 -26.48 7.70
CA ARG D 182 -4.87 -25.42 7.89
C ARG D 182 -4.59 -24.75 9.27
N ASP D 183 -4.34 -25.54 10.31
CA ASP D 183 -4.10 -24.97 11.62
C ASP D 183 -2.80 -24.19 11.67
N THR D 184 -1.80 -24.65 10.93
CA THR D 184 -0.52 -23.95 10.94
C THR D 184 -0.66 -22.61 10.23
N ALA D 185 -1.41 -22.60 9.12
CA ALA D 185 -1.60 -21.37 8.39
C ALA D 185 -2.37 -20.38 9.27
N ARG D 186 -3.33 -20.88 10.03
CA ARG D 186 -4.12 -20.04 10.92
C ARG D 186 -3.21 -19.45 11.96
N ASP D 187 -2.33 -20.27 12.53
CA ASP D 187 -1.43 -19.76 13.56
C ASP D 187 -0.47 -18.72 12.97
N ILE D 188 0.04 -18.94 11.77
CA ILE D 188 0.92 -17.94 11.15
C ILE D 188 0.11 -16.67 10.89
N SER D 189 -1.13 -16.80 10.41
CA SER D 189 -1.95 -15.61 10.17
C SER D 189 -2.10 -14.83 11.51
N THR D 190 -2.41 -15.56 12.58
CA THR D 190 -2.63 -14.91 13.88
C THR D 190 -1.38 -14.17 14.34
N ALA D 191 -0.24 -14.84 14.25
CA ALA D 191 1.02 -14.25 14.65
C ALA D 191 1.28 -13.01 13.78
N LEU D 192 0.99 -13.16 12.50
CA LEU D 192 1.22 -12.06 11.59
C LEU D 192 0.47 -10.82 12.08
N GLY D 193 -0.76 -11.04 12.52
CA GLY D 193 -1.62 -9.96 13.00
C GLY D 193 -1.20 -9.29 14.28
N LEU D 194 -0.21 -9.87 14.98
CA LEU D 194 0.24 -9.27 16.23
C LEU D 194 1.06 -8.02 16.01
N LYS D 195 0.77 -6.99 16.80
CA LYS D 195 1.45 -5.70 16.68
C LYS D 195 2.61 -5.63 17.63
#